data_3CXA
#
_entry.id   3CXA
#
_cell.length_a   89.640
_cell.length_b   102.390
_cell.length_c   163.740
_cell.angle_alpha   90.00
_cell.angle_beta   90.00
_cell.angle_gamma   90.00
#
_symmetry.space_group_name_H-M   'I 2 2 2'
#
loop_
_entity.id
_entity.type
_entity.pdbx_description
1 polymer 'Peptidoglycan recognition protein'
2 branched alpha-D-glucopyranose-(1-1)-alpha-D-glucopyranose
3 non-polymer 'L(+)-TARTARIC ACID'
#
_entity_poly.entity_id   1
_entity_poly.type   'polypeptide(L)'
_entity_poly.pdbx_seq_one_letter_code
;EDPPACGSIVPRREWRALASECRERLTRPVRYVVVSHTAGSHCDTPASCAQQAQNVQSYHVRNLGWCDVGYNFLIGEDGL
VYEGRGWNIKGAHAGPTWNPISIGISFMGNYMNRVPPPRALRAAQNLLACGVALGALRSNYEVKGHRDVQPTLSPGDRLY
EIIQTWSHYRA
;
_entity_poly.pdbx_strand_id   A,B,C,D
#
# COMPACT_ATOMS: atom_id res chain seq x y z
N GLU A 1 18.47 9.93 3.02
CA GLU A 1 17.79 10.85 3.99
C GLU A 1 16.58 10.25 4.74
N ASP A 2 15.67 9.65 3.96
CA ASP A 2 14.39 9.12 4.44
C ASP A 2 14.09 7.68 4.87
N PRO A 3 14.98 6.99 5.63
CA PRO A 3 14.62 5.61 6.00
C PRO A 3 13.94 5.49 7.40
N PRO A 4 12.57 5.48 7.46
CA PRO A 4 11.82 5.38 8.73
C PRO A 4 12.22 4.20 9.65
N ALA A 5 12.34 3.02 9.04
CA ALA A 5 12.70 1.75 9.71
C ALA A 5 12.71 0.69 8.61
N CYS A 6 13.65 -0.26 8.68
CA CYS A 6 13.74 -1.27 7.61
C CYS A 6 13.32 -2.71 7.85
N GLY A 7 14.33 -3.56 8.09
CA GLY A 7 14.11 -4.97 8.31
C GLY A 7 15.47 -5.64 8.37
N SER A 8 15.51 -6.84 8.94
CA SER A 8 16.74 -7.61 9.10
C SER A 8 17.04 -8.60 7.97
N ILE A 9 18.10 -8.30 7.24
CA ILE A 9 18.50 -9.10 6.10
C ILE A 9 19.88 -9.73 6.32
N VAL A 10 20.02 -11.01 5.98
CA VAL A 10 21.30 -11.71 6.14
C VAL A 10 22.23 -11.26 5.02
N PRO A 11 23.34 -10.61 5.35
CA PRO A 11 24.32 -10.12 4.37
C PRO A 11 25.00 -11.26 3.60
N ARG A 12 25.52 -10.95 2.42
CA ARG A 12 26.19 -11.96 1.59
C ARG A 12 27.36 -12.62 2.30
N ARG A 13 28.14 -11.81 3.01
CA ARG A 13 29.32 -12.31 3.72
C ARG A 13 29.00 -13.45 4.68
N GLU A 14 27.85 -13.27 5.33
CA GLU A 14 27.37 -14.18 6.35
C GLU A 14 26.79 -15.53 5.75
N TRP A 15 26.19 -15.59 4.54
CA TRP A 15 25.85 -16.89 3.94
C TRP A 15 26.95 -17.33 2.98
N ARG A 16 28.10 -16.67 3.10
CA ARG A 16 29.32 -16.95 2.33
C ARG A 16 29.18 -16.99 0.81
N ALA A 17 28.58 -15.93 0.28
CA ALA A 17 28.35 -15.79 -1.13
C ALA A 17 29.59 -15.40 -1.89
N LEU A 18 29.69 -15.88 -3.13
CA LEU A 18 30.82 -15.55 -4.01
C LEU A 18 30.67 -14.09 -4.39
N ALA A 19 31.76 -13.48 -4.83
CA ALA A 19 31.73 -12.08 -5.23
C ALA A 19 30.82 -11.87 -6.44
N SER A 20 29.97 -10.86 -6.36
CA SER A 20 29.10 -10.57 -7.47
C SER A 20 29.85 -9.90 -8.59
N GLU A 21 29.59 -10.31 -9.83
CA GLU A 21 30.26 -9.72 -10.98
C GLU A 21 29.32 -8.84 -11.80
N CYS A 22 28.25 -8.36 -11.17
CA CYS A 22 27.26 -7.53 -11.86
C CYS A 22 27.53 -6.05 -11.68
N ARG A 23 27.20 -5.28 -12.72
CA ARG A 23 27.37 -3.82 -12.71
C ARG A 23 26.12 -3.03 -13.12
N GLU A 24 25.19 -3.65 -13.83
CA GLU A 24 23.96 -2.96 -14.26
C GLU A 24 23.07 -2.57 -13.08
N ARG A 25 22.73 -1.29 -12.98
CA ARG A 25 21.88 -0.81 -11.88
C ARG A 25 20.39 -0.63 -12.26
N LEU A 26 19.49 -0.93 -11.33
CA LEU A 26 18.05 -0.75 -11.55
C LEU A 26 17.73 0.72 -11.29
N THR A 27 17.06 1.40 -12.21
CA THR A 27 16.77 2.78 -11.91
C THR A 27 15.74 2.82 -10.77
N ARG A 28 16.02 3.72 -9.83
CA ARG A 28 15.29 3.95 -8.59
C ARG A 28 14.24 5.08 -8.59
N PRO A 29 13.04 4.85 -8.04
CA PRO A 29 12.51 3.66 -7.35
C PRO A 29 12.08 2.60 -8.34
N VAL A 30 11.58 1.51 -7.80
CA VAL A 30 11.13 0.42 -8.63
C VAL A 30 9.62 0.26 -8.37
N ARG A 31 8.87 -0.07 -9.43
CA ARG A 31 7.42 -0.20 -9.36
C ARG A 31 6.88 -1.62 -9.23
N TYR A 32 7.64 -2.59 -9.74
CA TYR A 32 7.19 -3.97 -9.71
C TYR A 32 8.00 -4.96 -8.91
N VAL A 33 7.31 -5.88 -8.25
CA VAL A 33 7.97 -6.96 -7.48
C VAL A 33 7.43 -8.26 -7.96
N VAL A 34 8.32 -9.12 -8.39
CA VAL A 34 7.93 -10.43 -8.88
C VAL A 34 8.25 -11.54 -7.86
N VAL A 35 7.23 -12.32 -7.50
CA VAL A 35 7.40 -13.40 -6.55
C VAL A 35 7.50 -14.73 -7.32
N SER A 36 8.47 -15.55 -6.94
CA SER A 36 8.73 -16.83 -7.58
C SER A 36 9.31 -17.79 -6.55
N HIS A 37 9.46 -19.04 -6.89
CA HIS A 37 10.10 -19.96 -5.97
C HIS A 37 11.31 -20.55 -6.71
N THR A 38 12.27 -21.09 -5.97
CA THR A 38 13.47 -21.67 -6.55
C THR A 38 13.22 -23.11 -7.02
N ALA A 39 12.07 -23.65 -6.64
CA ALA A 39 11.69 -25.01 -7.00
C ALA A 39 12.74 -26.01 -6.59
N GLY A 40 13.47 -25.71 -5.53
CA GLY A 40 14.50 -26.59 -5.03
C GLY A 40 14.14 -27.07 -3.64
N SER A 41 15.14 -27.43 -2.86
CA SER A 41 14.91 -27.94 -1.51
C SER A 41 14.65 -26.84 -0.49
N HIS A 42 13.75 -27.08 0.46
CA HIS A 42 13.49 -26.09 1.50
C HIS A 42 14.44 -26.28 2.70
N CYS A 43 14.42 -25.36 3.66
CA CYS A 43 15.26 -25.42 4.85
C CYS A 43 14.56 -24.65 5.92
N ASP A 44 14.85 -25.10 7.16
CA ASP A 44 14.23 -24.44 8.39
C ASP A 44 15.21 -23.90 9.36
N THR A 45 16.50 -24.14 9.16
CA THR A 45 17.46 -23.62 10.09
C THR A 45 18.22 -22.57 9.42
N PRO A 46 18.63 -21.58 10.18
CA PRO A 46 19.41 -20.49 9.61
C PRO A 46 20.68 -21.06 8.98
N ALA A 47 21.14 -22.20 9.50
CA ALA A 47 22.36 -22.84 9.03
C ALA A 47 22.20 -23.49 7.69
N SER A 48 21.14 -24.27 7.56
CA SER A 48 20.90 -24.97 6.30
C SER A 48 20.43 -24.05 5.21
N CYS A 49 19.74 -22.99 5.59
CA CYS A 49 19.25 -22.02 4.62
C CYS A 49 20.39 -21.18 4.06
N ALA A 50 21.42 -20.96 4.88
CA ALA A 50 22.59 -20.24 4.40
C ALA A 50 23.28 -21.14 3.36
N GLN A 51 23.22 -22.47 3.51
CA GLN A 51 23.81 -23.39 2.51
C GLN A 51 22.92 -23.38 1.30
N GLN A 52 21.62 -23.43 1.51
CA GLN A 52 20.68 -23.44 0.36
C GLN A 52 20.82 -22.21 -0.47
N ALA A 53 21.27 -21.14 0.17
CA ALA A 53 21.48 -19.89 -0.52
C ALA A 53 22.64 -20.08 -1.47
N GLN A 54 23.73 -20.68 -0.98
CA GLN A 54 24.93 -20.89 -1.81
C GLN A 54 24.66 -21.76 -3.04
N ASN A 55 23.83 -22.79 -2.87
CA ASN A 55 23.51 -23.72 -3.96
C ASN A 55 22.81 -23.01 -5.11
N VAL A 56 21.78 -22.24 -4.81
CA VAL A 56 21.08 -21.51 -5.85
C VAL A 56 22.04 -20.55 -6.54
N GLN A 57 22.87 -19.84 -5.78
CA GLN A 57 23.82 -18.89 -6.42
C GLN A 57 24.87 -19.58 -7.23
N SER A 58 25.36 -20.72 -6.75
CA SER A 58 26.41 -21.41 -7.48
C SER A 58 25.92 -22.02 -8.76
N TYR A 59 24.67 -22.47 -8.77
CA TYR A 59 24.11 -23.06 -9.97
C TYR A 59 23.93 -21.95 -11.00
N HIS A 60 23.65 -20.75 -10.53
CA HIS A 60 23.46 -19.61 -11.42
C HIS A 60 24.76 -19.04 -11.94
N VAL A 61 25.82 -19.16 -11.15
CA VAL A 61 27.11 -18.61 -11.55
C VAL A 61 27.95 -19.63 -12.31
N ARG A 62 28.15 -20.80 -11.71
CA ARG A 62 28.99 -21.82 -12.35
C ARG A 62 28.40 -22.67 -13.45
N ASN A 63 27.08 -22.74 -13.51
CA ASN A 63 26.43 -23.53 -14.55
C ASN A 63 25.71 -22.68 -15.62
N LEU A 64 25.12 -21.58 -15.21
CA LEU A 64 24.41 -20.69 -16.12
C LEU A 64 25.27 -19.49 -16.51
N GLY A 65 26.44 -19.38 -15.88
CA GLY A 65 27.33 -18.27 -16.17
C GLY A 65 26.84 -16.85 -15.90
N TRP A 66 25.78 -16.69 -15.09
CA TRP A 66 25.26 -15.34 -14.77
C TRP A 66 26.18 -14.63 -13.80
N CYS A 67 26.17 -13.30 -13.80
CA CYS A 67 27.07 -12.52 -12.94
C CYS A 67 26.85 -12.71 -11.46
N ASP A 68 25.69 -13.23 -11.09
CA ASP A 68 25.36 -13.46 -9.68
C ASP A 68 24.05 -14.25 -9.61
N VAL A 69 23.61 -14.57 -8.40
CA VAL A 69 22.36 -15.30 -8.23
C VAL A 69 21.32 -14.43 -8.96
N GLY A 70 20.32 -15.06 -9.57
CA GLY A 70 19.34 -14.29 -10.31
C GLY A 70 18.42 -13.35 -9.55
N TYR A 71 18.05 -13.70 -8.32
CA TYR A 71 17.12 -12.91 -7.53
C TYR A 71 17.75 -11.83 -6.68
N ASN A 72 16.98 -10.77 -6.43
CA ASN A 72 17.48 -9.67 -5.63
C ASN A 72 17.53 -10.10 -4.17
N PHE A 73 16.55 -10.90 -3.75
CA PHE A 73 16.50 -11.40 -2.37
C PHE A 73 15.99 -12.82 -2.33
N LEU A 74 16.45 -13.58 -1.33
CA LEU A 74 16.02 -14.96 -1.14
C LEU A 74 15.28 -15.02 0.17
N ILE A 75 14.29 -15.87 0.22
CA ILE A 75 13.50 -15.92 1.40
C ILE A 75 13.43 -17.34 2.00
N GLY A 76 13.92 -17.52 3.22
CA GLY A 76 13.92 -18.84 3.82
C GLY A 76 12.77 -19.19 4.75
N GLU A 77 12.54 -20.47 4.98
CA GLU A 77 11.47 -20.90 5.87
C GLU A 77 11.91 -20.77 7.31
N ASP A 78 13.13 -20.27 7.51
CA ASP A 78 13.66 -20.05 8.84
C ASP A 78 13.16 -18.68 9.24
N GLY A 79 12.49 -18.01 8.30
CA GLY A 79 11.93 -16.70 8.56
C GLY A 79 12.88 -15.55 8.35
N LEU A 80 13.96 -15.79 7.59
CA LEU A 80 14.99 -14.78 7.33
C LEU A 80 15.19 -14.48 5.85
N VAL A 81 15.39 -13.21 5.55
CA VAL A 81 15.63 -12.75 4.18
C VAL A 81 17.11 -12.84 3.92
N TYR A 82 17.49 -13.48 2.83
CA TYR A 82 18.88 -13.57 2.46
C TYR A 82 19.15 -12.59 1.33
N GLU A 83 20.26 -11.88 1.41
CA GLU A 83 20.61 -10.90 0.38
C GLU A 83 21.21 -11.53 -0.89
N GLY A 84 20.61 -11.19 -2.02
CA GLY A 84 21.08 -11.67 -3.32
C GLY A 84 21.72 -10.49 -4.04
N ARG A 85 21.08 -9.99 -5.09
CA ARG A 85 21.63 -8.85 -5.79
C ARG A 85 21.32 -7.54 -5.06
N GLY A 86 20.29 -7.53 -4.23
CA GLY A 86 19.93 -6.33 -3.48
C GLY A 86 18.97 -5.39 -4.17
N TRP A 87 18.78 -4.21 -3.57
CA TRP A 87 17.88 -3.18 -4.08
C TRP A 87 18.41 -2.35 -5.27
N ASN A 88 19.72 -2.40 -5.49
CA ASN A 88 20.34 -1.60 -6.54
C ASN A 88 20.72 -2.19 -7.87
N ILE A 89 20.89 -3.51 -7.92
CA ILE A 89 21.30 -4.18 -9.16
C ILE A 89 20.21 -4.96 -9.89
N LYS A 90 20.26 -4.96 -11.21
CA LYS A 90 19.30 -5.67 -12.03
C LYS A 90 19.64 -7.14 -11.86
N GLY A 91 18.63 -8.02 -11.89
CA GLY A 91 18.93 -9.43 -11.72
C GLY A 91 18.05 -10.36 -12.55
N ALA A 92 18.64 -11.09 -13.49
CA ALA A 92 17.92 -12.02 -14.35
C ALA A 92 16.95 -12.93 -13.59
N HIS A 93 15.65 -12.74 -13.77
CA HIS A 93 14.69 -13.59 -13.07
C HIS A 93 13.32 -13.78 -13.74
N ALA A 94 12.92 -12.88 -14.63
CA ALA A 94 11.60 -13.02 -15.27
C ALA A 94 11.46 -12.49 -16.70
N GLY A 95 12.50 -12.59 -17.51
CA GLY A 95 12.37 -12.09 -18.88
C GLY A 95 12.95 -10.69 -18.99
N PRO A 96 13.52 -10.32 -20.15
CA PRO A 96 14.13 -9.00 -20.39
C PRO A 96 13.17 -7.82 -20.44
N THR A 97 11.91 -8.11 -20.58
CA THR A 97 10.96 -7.05 -20.67
C THR A 97 10.52 -6.68 -19.24
N TRP A 98 10.88 -7.53 -18.26
CA TRP A 98 10.56 -7.33 -16.85
C TRP A 98 11.74 -7.17 -15.89
N ASN A 99 12.90 -7.75 -16.21
CA ASN A 99 14.07 -7.64 -15.35
C ASN A 99 14.58 -6.21 -15.04
N PRO A 100 14.42 -5.26 -15.99
CA PRO A 100 14.92 -3.89 -15.74
C PRO A 100 13.97 -3.00 -14.92
N ILE A 101 12.81 -3.56 -14.63
CA ILE A 101 11.76 -2.82 -13.98
C ILE A 101 11.17 -3.39 -12.71
N SER A 102 11.71 -4.53 -12.29
CA SER A 102 11.15 -5.16 -11.13
C SER A 102 12.21 -5.72 -10.21
N ILE A 103 11.81 -5.84 -8.94
CA ILE A 103 12.68 -6.41 -7.94
C ILE A 103 12.16 -7.87 -7.87
N GLY A 104 13.07 -8.82 -7.74
CA GLY A 104 12.67 -10.22 -7.71
C GLY A 104 13.04 -10.98 -6.44
N ILE A 105 12.03 -11.33 -5.64
CA ILE A 105 12.28 -12.07 -4.41
C ILE A 105 11.80 -13.45 -4.70
N SER A 106 12.50 -14.44 -4.17
CA SER A 106 12.14 -15.81 -4.42
C SER A 106 12.17 -16.67 -3.17
N PHE A 107 11.04 -17.31 -2.87
CA PHE A 107 10.96 -18.21 -1.72
C PHE A 107 11.80 -19.46 -2.02
N MET A 108 12.62 -19.87 -1.07
CA MET A 108 13.50 -21.02 -1.26
C MET A 108 12.85 -22.38 -1.09
N GLY A 109 12.41 -22.94 -2.22
CA GLY A 109 11.77 -24.25 -2.23
C GLY A 109 10.67 -24.31 -3.29
N ASN A 110 10.09 -25.48 -3.48
CA ASN A 110 9.00 -25.62 -4.45
C ASN A 110 7.67 -25.66 -3.72
N TYR A 111 6.89 -24.60 -3.90
CA TYR A 111 5.60 -24.51 -3.24
C TYR A 111 4.43 -24.82 -4.15
N MET A 112 4.54 -25.90 -4.91
CA MET A 112 3.45 -26.29 -5.80
C MET A 112 2.33 -26.77 -4.87
N ASN A 113 2.70 -27.62 -3.91
CA ASN A 113 1.77 -28.09 -2.93
C ASN A 113 2.09 -27.24 -1.70
N ARG A 114 2.91 -27.76 -0.78
CA ARG A 114 3.34 -27.05 0.43
C ARG A 114 3.23 -25.52 0.48
N VAL A 115 2.78 -24.98 1.61
CA VAL A 115 2.72 -23.51 1.72
C VAL A 115 3.91 -23.07 2.55
N PRO A 116 4.33 -21.82 2.40
CA PRO A 116 5.49 -21.39 3.19
C PRO A 116 4.96 -21.08 4.59
N PRO A 117 5.76 -21.34 5.63
CA PRO A 117 5.30 -21.06 6.99
C PRO A 117 5.09 -19.56 7.21
N PRO A 118 4.10 -19.18 8.04
CA PRO A 118 3.80 -17.79 8.34
C PRO A 118 5.03 -16.86 8.43
N ARG A 119 6.06 -17.29 9.12
CA ARG A 119 7.25 -16.47 9.30
C ARG A 119 7.98 -16.12 8.01
N ALA A 120 7.79 -16.94 6.98
CA ALA A 120 8.44 -16.68 5.70
C ALA A 120 7.67 -15.60 4.97
N LEU A 121 6.34 -15.66 5.09
CA LEU A 121 5.48 -14.69 4.45
C LEU A 121 5.65 -13.34 5.16
N ARG A 122 5.94 -13.39 6.47
CA ARG A 122 6.15 -12.17 7.23
C ARG A 122 7.49 -11.54 6.83
N ALA A 123 8.48 -12.41 6.59
CA ALA A 123 9.80 -11.95 6.22
C ALA A 123 9.77 -11.16 4.93
N ALA A 124 8.96 -11.62 3.98
CA ALA A 124 8.86 -10.98 2.67
C ALA A 124 8.01 -9.76 2.70
N GLN A 125 6.92 -9.77 3.46
CA GLN A 125 6.05 -8.60 3.53
C GLN A 125 6.79 -7.46 4.23
N ASN A 126 7.67 -7.80 5.15
CA ASN A 126 8.46 -6.82 5.88
C ASN A 126 9.56 -6.27 4.96
N LEU A 127 10.12 -7.16 4.14
CA LEU A 127 11.18 -6.78 3.20
C LEU A 127 10.66 -5.71 2.28
N LEU A 128 9.49 -5.97 1.68
CA LEU A 128 8.87 -5.02 0.77
C LEU A 128 8.58 -3.72 1.54
N ALA A 129 8.17 -3.85 2.79
CA ALA A 129 7.88 -2.68 3.61
C ALA A 129 9.16 -1.85 3.81
N CYS A 130 10.30 -2.54 3.92
CA CYS A 130 11.57 -1.84 4.09
C CYS A 130 11.90 -1.18 2.77
N GLY A 131 11.59 -1.85 1.67
CA GLY A 131 11.86 -1.28 0.37
C GLY A 131 11.30 0.10 0.21
N VAL A 132 10.06 0.28 0.68
CA VAL A 132 9.37 1.56 0.60
C VAL A 132 10.04 2.55 1.54
N ALA A 133 10.45 2.07 2.70
CA ALA A 133 11.13 2.90 3.67
C ALA A 133 12.44 3.45 3.08
N LEU A 134 13.25 2.58 2.48
CA LEU A 134 14.52 2.99 1.88
C LEU A 134 14.34 3.82 0.63
N GLY A 135 13.14 3.76 0.05
CA GLY A 135 12.86 4.52 -1.15
C GLY A 135 13.26 3.73 -2.38
N ALA A 136 13.59 2.46 -2.17
CA ALA A 136 13.98 1.58 -3.23
C ALA A 136 12.74 1.16 -4.02
N LEU A 137 11.62 0.99 -3.32
CA LEU A 137 10.34 0.64 -3.92
C LEU A 137 9.47 1.85 -3.69
N ARG A 138 8.53 2.13 -4.59
CA ARG A 138 7.62 3.27 -4.38
C ARG A 138 6.42 2.74 -3.66
N SER A 139 5.75 3.60 -2.90
CA SER A 139 4.57 3.22 -2.13
C SER A 139 3.47 2.62 -3.00
N ASN A 140 3.60 2.81 -4.31
CA ASN A 140 2.66 2.28 -5.30
C ASN A 140 2.97 0.83 -5.64
N TYR A 141 4.22 0.41 -5.44
CA TYR A 141 4.70 -0.93 -5.78
C TYR A 141 3.62 -1.99 -5.96
N GLU A 142 3.76 -2.72 -7.06
CA GLU A 142 2.81 -3.74 -7.42
C GLU A 142 3.44 -5.11 -7.38
N VAL A 143 2.86 -6.02 -6.60
CA VAL A 143 3.38 -7.37 -6.49
C VAL A 143 2.74 -8.17 -7.61
N LYS A 144 3.55 -8.96 -8.30
CA LYS A 144 3.08 -9.77 -9.43
C LYS A 144 3.65 -11.19 -9.31
N GLY A 145 2.95 -12.18 -9.87
CA GLY A 145 3.46 -13.54 -9.80
C GLY A 145 4.51 -13.74 -10.90
N HIS A 146 5.44 -14.71 -10.92
CA HIS A 146 6.48 -14.97 -11.95
C HIS A 146 5.52 -15.49 -13.07
N ARG A 147 4.44 -16.20 -12.69
CA ARG A 147 3.59 -16.79 -13.73
C ARG A 147 2.75 -15.77 -14.49
N ASP A 148 2.65 -14.56 -13.94
CA ASP A 148 1.91 -13.48 -14.58
C ASP A 148 2.75 -12.77 -15.62
N VAL A 149 4.05 -13.05 -15.65
CA VAL A 149 4.95 -12.37 -16.61
C VAL A 149 5.71 -13.22 -17.59
N GLN A 150 5.53 -14.52 -17.49
CA GLN A 150 6.13 -15.44 -18.42
C GLN A 150 5.60 -16.82 -18.07
N PRO A 151 5.32 -17.63 -19.11
CA PRO A 151 4.78 -18.97 -18.95
C PRO A 151 5.53 -19.92 -18.03
N THR A 152 5.11 -19.98 -16.77
CA THR A 152 5.73 -20.88 -15.79
C THR A 152 4.80 -21.12 -14.59
N LEU A 153 5.04 -22.17 -13.81
CA LEU A 153 4.21 -22.39 -12.62
C LEU A 153 4.88 -21.65 -11.45
N SER A 154 6.12 -21.21 -11.67
CA SER A 154 7.00 -20.52 -10.72
C SER A 154 6.59 -20.07 -9.31
N PRO A 155 5.53 -19.26 -9.16
CA PRO A 155 5.22 -18.89 -7.77
C PRO A 155 4.87 -20.12 -6.95
N GLY A 156 4.23 -21.10 -7.60
CA GLY A 156 3.82 -22.31 -6.93
C GLY A 156 2.32 -22.21 -6.71
N ASP A 157 1.55 -23.14 -7.25
CA ASP A 157 0.09 -23.10 -7.13
C ASP A 157 -0.47 -22.57 -5.81
N ARG A 158 0.08 -23.03 -4.68
CA ARG A 158 -0.44 -22.59 -3.39
C ARG A 158 0.12 -21.28 -2.84
N LEU A 159 1.34 -20.99 -3.26
CA LEU A 159 2.05 -19.78 -2.89
C LEU A 159 1.48 -18.62 -3.69
N TYR A 160 1.12 -18.93 -4.93
CA TYR A 160 0.56 -17.97 -5.85
C TYR A 160 -0.80 -17.61 -5.30
N GLU A 161 -1.51 -18.62 -4.82
CA GLU A 161 -2.83 -18.44 -4.25
C GLU A 161 -2.77 -17.52 -3.02
N ILE A 162 -1.65 -17.57 -2.29
CA ILE A 162 -1.47 -16.74 -1.10
C ILE A 162 -1.16 -15.28 -1.44
N ILE A 163 -0.26 -15.04 -2.39
CA ILE A 163 0.12 -13.67 -2.74
C ILE A 163 -1.00 -12.90 -3.35
N GLN A 164 -2.02 -13.60 -3.79
CA GLN A 164 -3.10 -12.91 -4.45
C GLN A 164 -3.91 -12.12 -3.45
N THR A 165 -3.83 -12.51 -2.18
CA THR A 165 -4.58 -11.81 -1.15
C THR A 165 -3.83 -10.55 -0.65
N TRP A 166 -2.53 -10.48 -0.93
CA TRP A 166 -1.72 -9.34 -0.49
C TRP A 166 -2.27 -8.01 -0.98
N SER A 167 -2.13 -6.97 -0.17
CA SER A 167 -2.64 -5.64 -0.48
C SER A 167 -2.19 -5.01 -1.82
N HIS A 168 -0.99 -5.34 -2.27
CA HIS A 168 -0.46 -4.74 -3.49
C HIS A 168 -0.50 -5.56 -4.78
N TYR A 169 -1.11 -6.73 -4.74
CA TYR A 169 -1.19 -7.61 -5.90
C TYR A 169 -2.07 -7.27 -7.06
N ARG A 170 -1.48 -7.18 -8.27
CA ARG A 170 -2.24 -6.72 -9.43
C ARG A 170 -2.33 -7.67 -10.57
N ALA A 171 -3.53 -7.65 -11.12
CA ALA A 171 -3.90 -8.46 -12.28
C ALA A 171 -2.81 -9.29 -12.98
N GLU B 1 -0.05 -8.50 10.77
CA GLU B 1 -0.32 -7.03 10.72
C GLU B 1 -0.22 -6.35 12.12
N ASP B 2 1.01 -6.01 12.52
CA ASP B 2 1.28 -5.31 13.79
C ASP B 2 1.94 -3.98 13.37
N PRO B 3 1.16 -3.09 12.69
CA PRO B 3 1.44 -1.78 12.11
C PRO B 3 2.85 -1.56 11.51
N PRO B 4 2.91 -1.05 10.27
CA PRO B 4 4.04 -0.72 9.39
C PRO B 4 5.51 -0.91 9.81
N ALA B 5 6.27 -1.53 8.91
CA ALA B 5 7.72 -1.79 9.03
C ALA B 5 8.26 -2.44 10.32
N CYS B 6 7.53 -3.40 10.87
CA CYS B 6 8.00 -4.03 12.10
C CYS B 6 8.70 -5.34 11.85
N GLY B 7 10.03 -5.22 11.75
CA GLY B 7 10.96 -6.32 11.46
C GLY B 7 10.68 -7.78 11.82
N SER B 8 9.59 -8.34 11.32
CA SER B 8 9.23 -9.73 11.55
C SER B 8 9.31 -10.19 13.02
N ILE B 9 8.18 -10.10 13.68
CA ILE B 9 8.07 -10.50 15.07
C ILE B 9 7.15 -11.73 15.18
N VAL B 10 7.57 -12.75 15.92
CA VAL B 10 6.76 -13.94 16.07
C VAL B 10 5.63 -13.66 17.08
N PRO B 11 4.36 -13.84 16.66
CA PRO B 11 3.24 -13.58 17.56
C PRO B 11 3.09 -14.65 18.65
N ARG B 12 2.45 -14.28 19.75
CA ARG B 12 2.20 -15.17 20.87
C ARG B 12 1.50 -16.42 20.38
N ARG B 13 0.46 -16.23 19.58
CA ARG B 13 -0.29 -17.35 19.03
C ARG B 13 0.59 -18.38 18.33
N GLU B 14 1.74 -17.91 17.65
CA GLU B 14 2.74 -18.77 16.91
C GLU B 14 3.64 -19.60 17.88
N TRP B 15 4.13 -19.00 19.00
CA TRP B 15 4.99 -19.76 19.90
C TRP B 15 4.21 -20.48 20.99
N ARG B 16 2.92 -20.68 20.73
CA ARG B 16 1.97 -21.40 21.61
C ARG B 16 1.93 -20.84 23.06
N ALA B 17 1.92 -19.53 23.20
CA ALA B 17 1.90 -18.87 24.52
C ALA B 17 0.58 -19.02 25.24
N LEU B 18 0.60 -18.78 26.54
CA LEU B 18 -0.61 -18.86 27.35
C LEU B 18 -1.18 -17.44 27.38
N ALA B 19 -2.46 -17.31 27.70
CA ALA B 19 -3.07 -15.99 27.74
C ALA B 19 -2.44 -15.10 28.78
N SER B 20 -2.10 -13.87 28.38
CA SER B 20 -1.52 -12.91 29.32
C SER B 20 -2.68 -12.42 30.16
N GLU B 21 -2.40 -11.98 31.38
CA GLU B 21 -3.44 -11.49 32.24
C GLU B 21 -2.97 -10.20 32.89
N CYS B 22 -2.07 -9.50 32.22
CA CYS B 22 -1.52 -8.28 32.75
C CYS B 22 -2.40 -7.12 32.35
N ARG B 23 -2.79 -6.28 33.31
CA ARG B 23 -3.60 -5.21 32.87
C ARG B 23 -2.98 -3.78 32.95
N GLU B 24 -1.74 -3.69 33.42
CA GLU B 24 -1.04 -2.41 33.48
C GLU B 24 -0.51 -1.97 32.12
N ARG B 25 -0.86 -0.75 31.72
CA ARG B 25 -0.45 -0.14 30.45
C ARG B 25 0.90 0.55 30.66
N LEU B 26 1.63 0.77 29.57
CA LEU B 26 2.94 1.42 29.60
C LEU B 26 2.76 2.81 29.04
N THR B 27 3.27 3.79 29.77
CA THR B 27 3.10 5.15 29.34
C THR B 27 4.00 5.55 28.17
N ARG B 28 3.43 5.45 26.97
CA ARG B 28 4.15 5.81 25.75
C ARG B 28 4.26 7.31 25.54
N PRO B 29 5.36 7.77 24.91
CA PRO B 29 6.47 6.99 24.37
C PRO B 29 7.48 6.70 25.46
N VAL B 30 8.14 5.59 25.24
CA VAL B 30 9.05 5.04 26.16
C VAL B 30 10.50 5.47 25.90
N ARG B 31 11.23 5.83 26.96
CA ARG B 31 12.60 6.34 26.80
C ARG B 31 13.72 5.34 26.90
N TYR B 32 13.57 4.37 27.81
CA TYR B 32 14.63 3.41 27.99
C TYR B 32 14.36 2.02 27.45
N VAL B 33 15.44 1.32 27.17
CA VAL B 33 15.39 -0.02 26.65
C VAL B 33 16.43 -0.82 27.42
N VAL B 34 15.95 -1.80 28.19
CA VAL B 34 16.83 -2.61 29.02
C VAL B 34 17.14 -3.95 28.43
N VAL B 35 18.41 -4.16 28.16
CA VAL B 35 18.79 -5.39 27.59
C VAL B 35 19.24 -6.37 28.69
N SER B 36 18.74 -7.60 28.63
CA SER B 36 19.08 -8.62 29.62
C SER B 36 19.27 -10.01 29.01
N HIS B 37 19.45 -11.04 29.83
CA HIS B 37 19.56 -12.40 29.31
C HIS B 37 18.84 -13.35 30.26
N THR B 38 18.12 -14.32 29.69
CA THR B 38 17.36 -15.25 30.52
C THR B 38 18.25 -16.13 31.38
N ALA B 39 19.51 -16.24 30.99
CA ALA B 39 20.47 -17.07 31.72
C ALA B 39 20.02 -18.52 31.68
N GLY B 40 19.07 -18.81 30.79
CA GLY B 40 18.55 -20.16 30.64
C GLY B 40 19.24 -20.83 29.46
N SER B 41 18.61 -21.86 28.91
CA SER B 41 19.20 -22.57 27.79
C SER B 41 18.99 -21.77 26.50
N HIS B 42 19.94 -21.89 25.57
CA HIS B 42 19.82 -21.19 24.28
C HIS B 42 19.34 -22.11 23.13
N CYS B 43 18.95 -21.51 22.01
CA CYS B 43 18.39 -22.24 20.84
C CYS B 43 18.77 -21.56 19.53
N ASP B 44 18.99 -22.35 18.49
CA ASP B 44 19.36 -21.79 17.21
C ASP B 44 18.38 -21.97 16.07
N THR B 45 17.33 -22.75 16.26
CA THR B 45 16.36 -22.90 15.19
C THR B 45 15.03 -22.38 15.73
N PRO B 46 14.12 -21.95 14.85
CA PRO B 46 12.82 -21.43 15.30
C PRO B 46 12.00 -22.45 16.06
N ALA B 47 12.15 -23.72 15.68
CA ALA B 47 11.42 -24.81 16.32
C ALA B 47 11.85 -24.96 17.77
N SER B 48 13.14 -24.86 18.02
CA SER B 48 13.70 -24.99 19.37
C SER B 48 13.47 -23.74 20.20
N CYS B 49 13.48 -22.58 19.55
CA CYS B 49 13.27 -21.33 20.25
C CYS B 49 11.81 -21.07 20.59
N ALA B 50 10.91 -21.82 19.97
CA ALA B 50 9.49 -21.66 20.25
C ALA B 50 9.30 -22.43 21.52
N GLN B 51 9.93 -23.59 21.60
CA GLN B 51 9.81 -24.37 22.82
C GLN B 51 10.56 -23.67 23.96
N GLN B 52 11.67 -23.00 23.66
CA GLN B 52 12.42 -22.30 24.70
C GLN B 52 11.68 -21.05 25.18
N ALA B 53 10.87 -20.47 24.32
CA ALA B 53 10.12 -19.28 24.70
C ALA B 53 9.10 -19.73 25.73
N GLN B 54 8.32 -20.75 25.37
CA GLN B 54 7.30 -21.35 26.24
C GLN B 54 7.88 -21.61 27.63
N ASN B 55 9.10 -22.13 27.66
CA ASN B 55 9.78 -22.44 28.91
C ASN B 55 9.92 -21.23 29.82
N VAL B 56 10.38 -20.11 29.28
CA VAL B 56 10.56 -18.90 30.07
C VAL B 56 9.23 -18.41 30.62
N GLN B 57 8.17 -18.44 29.79
CA GLN B 57 6.86 -17.98 30.23
C GLN B 57 6.18 -18.88 31.24
N SER B 58 6.24 -20.20 31.04
CA SER B 58 5.59 -21.09 31.98
C SER B 58 6.25 -20.94 33.33
N TYR B 59 7.56 -20.75 33.35
CA TYR B 59 8.26 -20.57 34.61
C TYR B 59 7.83 -19.28 35.30
N HIS B 60 7.52 -18.25 34.52
CA HIS B 60 7.08 -16.98 35.07
C HIS B 60 5.63 -17.02 35.52
N VAL B 61 4.82 -17.76 34.78
CA VAL B 61 3.40 -17.86 35.05
C VAL B 61 2.98 -18.96 36.04
N ARG B 62 3.40 -20.21 35.81
CA ARG B 62 3.00 -21.27 36.72
C ARG B 62 3.80 -21.18 38.02
N ASN B 63 5.13 -21.17 37.93
CA ASN B 63 5.95 -21.12 39.13
C ASN B 63 6.08 -19.81 39.92
N LEU B 64 6.41 -18.72 39.25
CA LEU B 64 6.56 -17.43 39.93
C LEU B 64 5.25 -16.68 40.15
N GLY B 65 4.18 -17.13 39.50
CA GLY B 65 2.87 -16.51 39.67
C GLY B 65 2.68 -15.10 39.15
N TRP B 66 3.36 -14.76 38.06
CA TRP B 66 3.21 -13.46 37.44
C TRP B 66 2.16 -13.63 36.35
N CYS B 67 1.57 -12.52 35.92
CA CYS B 67 0.51 -12.53 34.90
C CYS B 67 0.95 -12.99 33.49
N ASP B 68 2.25 -12.88 33.18
CA ASP B 68 2.75 -13.25 31.86
C ASP B 68 4.27 -13.18 31.89
N VAL B 69 4.89 -13.68 30.84
CA VAL B 69 6.35 -13.63 30.73
C VAL B 69 6.78 -12.20 31.04
N GLY B 70 7.72 -12.06 31.97
CA GLY B 70 8.16 -10.73 32.37
C GLY B 70 8.77 -9.79 31.35
N TYR B 71 9.27 -10.32 30.23
CA TYR B 71 9.89 -9.51 29.19
C TYR B 71 8.91 -9.02 28.14
N ASN B 72 9.24 -7.89 27.52
CA ASN B 72 8.40 -7.34 26.47
C ASN B 72 8.70 -8.11 25.20
N PHE B 73 9.97 -8.47 24.99
CA PHE B 73 10.31 -9.25 23.80
C PHE B 73 11.54 -10.15 24.15
N LEU B 74 11.53 -11.35 23.60
CA LEU B 74 12.62 -12.32 23.78
C LEU B 74 13.31 -12.51 22.43
N ILE B 75 14.62 -12.59 22.42
CA ILE B 75 15.37 -12.76 21.18
C ILE B 75 15.99 -14.14 21.09
N GLY B 76 15.88 -14.78 19.94
CA GLY B 76 16.45 -16.12 19.80
C GLY B 76 17.69 -16.06 18.96
N GLU B 77 18.59 -17.05 19.09
CA GLU B 77 19.79 -17.04 18.27
C GLU B 77 19.43 -17.58 16.88
N ASP B 78 18.14 -17.84 16.69
CA ASP B 78 17.61 -18.32 15.44
C ASP B 78 17.41 -17.09 14.58
N GLY B 79 17.73 -15.95 15.18
CA GLY B 79 17.60 -14.67 14.51
C GLY B 79 16.19 -14.11 14.41
N LEU B 80 15.32 -14.47 15.35
CA LEU B 80 13.93 -14.00 15.34
C LEU B 80 13.54 -13.37 16.67
N VAL B 81 12.68 -12.35 16.62
CA VAL B 81 12.19 -11.70 17.83
C VAL B 81 10.85 -12.33 18.22
N TYR B 82 10.71 -12.69 19.48
CA TYR B 82 9.49 -13.31 20.00
C TYR B 82 8.72 -12.32 20.85
N GLU B 83 7.41 -12.27 20.63
CA GLU B 83 6.56 -11.35 21.35
C GLU B 83 6.13 -11.84 22.73
N GLY B 84 6.38 -11.03 23.74
CA GLY B 84 5.98 -11.35 25.08
C GLY B 84 4.87 -10.39 25.46
N ARG B 85 5.20 -9.42 26.32
CA ARG B 85 4.21 -8.44 26.75
C ARG B 85 4.05 -7.34 25.71
N GLY B 86 4.95 -7.28 24.75
CA GLY B 86 4.83 -6.27 23.70
C GLY B 86 5.15 -4.83 24.05
N TRP B 87 4.71 -3.92 23.17
CA TRP B 87 4.97 -2.50 23.32
C TRP B 87 4.03 -1.79 24.25
N ASN B 88 2.96 -2.44 24.69
CA ASN B 88 2.01 -1.75 25.54
C ASN B 88 1.76 -2.23 26.94
N ILE B 89 1.92 -3.51 27.17
CA ILE B 89 1.71 -4.02 28.49
C ILE B 89 3.07 -3.88 29.26
N LYS B 90 3.07 -3.14 30.37
CA LYS B 90 4.29 -2.90 31.17
C LYS B 90 5.02 -4.18 31.60
N GLY B 91 6.33 -4.22 31.41
CA GLY B 91 7.09 -5.41 31.76
C GLY B 91 7.51 -5.60 33.21
N ALA B 92 8.02 -6.80 33.49
CA ALA B 92 8.50 -7.18 34.80
C ALA B 92 9.91 -7.70 34.55
N HIS B 93 10.85 -6.78 34.36
CA HIS B 93 12.22 -7.15 34.04
C HIS B 93 13.34 -6.49 34.85
N ALA B 94 13.09 -5.29 35.40
CA ALA B 94 14.15 -4.59 36.13
C ALA B 94 13.81 -3.91 37.45
N GLY B 95 12.76 -4.36 38.13
CA GLY B 95 12.45 -3.71 39.39
C GLY B 95 11.46 -2.58 39.21
N PRO B 96 10.88 -2.07 40.33
CA PRO B 96 9.90 -1.00 40.38
C PRO B 96 10.34 0.35 39.85
N THR B 97 11.62 0.59 39.97
CA THR B 97 12.16 1.85 39.58
C THR B 97 12.24 2.00 38.04
N TRP B 98 12.46 0.89 37.33
CA TRP B 98 12.56 0.91 35.86
C TRP B 98 11.45 0.25 35.04
N ASN B 99 10.72 -0.69 35.63
CA ASN B 99 9.68 -1.41 34.91
C ASN B 99 8.58 -0.57 34.23
N PRO B 100 8.12 0.51 34.87
CA PRO B 100 7.07 1.30 34.22
C PRO B 100 7.56 2.36 33.24
N ILE B 101 8.88 2.52 33.11
CA ILE B 101 9.41 3.53 32.22
C ILE B 101 10.23 3.02 31.04
N SER B 102 10.64 1.75 31.08
CA SER B 102 11.46 1.17 30.01
C SER B 102 10.89 -0.12 29.41
N ILE B 103 11.30 -0.43 28.18
CA ILE B 103 10.86 -1.65 27.50
C ILE B 103 11.97 -2.67 27.77
N GLY B 104 11.58 -3.93 27.97
CA GLY B 104 12.58 -4.93 28.28
C GLY B 104 12.75 -6.04 27.27
N ILE B 105 13.91 -6.08 26.64
CA ILE B 105 14.18 -7.12 25.68
C ILE B 105 15.28 -8.00 26.23
N SER B 106 15.05 -9.32 26.17
CA SER B 106 15.98 -10.29 26.71
C SER B 106 16.45 -11.27 25.67
N PHE B 107 17.71 -11.65 25.78
CA PHE B 107 18.34 -12.60 24.87
C PHE B 107 18.29 -13.99 25.49
N MET B 108 17.74 -14.95 24.74
CA MET B 108 17.60 -16.30 25.23
C MET B 108 18.90 -17.11 25.25
N GLY B 109 19.56 -17.10 26.42
CA GLY B 109 20.80 -17.83 26.61
C GLY B 109 21.55 -17.24 27.78
N ASN B 110 22.74 -17.77 28.07
CA ASN B 110 23.57 -17.25 29.14
C ASN B 110 24.82 -16.75 28.44
N TYR B 111 24.98 -15.44 28.40
CA TYR B 111 26.11 -14.86 27.68
C TYR B 111 27.35 -14.36 28.42
N MET B 112 27.79 -15.13 29.40
CA MET B 112 28.98 -14.77 30.16
C MET B 112 30.23 -15.18 29.36
N ASN B 113 30.38 -16.46 29.06
CA ASN B 113 31.53 -16.88 28.29
C ASN B 113 31.05 -17.28 26.85
N ARG B 114 29.90 -16.78 26.38
CA ARG B 114 29.38 -17.11 25.03
C ARG B 114 28.76 -15.88 24.35
N VAL B 115 29.09 -15.67 23.07
CA VAL B 115 28.59 -14.52 22.33
C VAL B 115 27.34 -14.86 21.49
N PRO B 116 26.45 -13.87 21.28
CA PRO B 116 25.25 -14.13 20.49
C PRO B 116 25.64 -13.92 19.02
N PRO B 117 25.00 -14.65 18.09
CA PRO B 117 25.28 -14.53 16.67
C PRO B 117 24.87 -13.16 16.15
N PRO B 118 25.41 -12.74 15.00
CA PRO B 118 25.08 -11.44 14.44
C PRO B 118 23.59 -11.33 14.13
N ARG B 119 23.01 -12.42 13.64
CA ARG B 119 21.58 -12.40 13.30
C ARG B 119 20.69 -12.04 14.48
N ALA B 120 21.09 -12.42 15.68
CA ALA B 120 20.30 -12.11 16.86
C ALA B 120 20.51 -10.64 17.22
N LEU B 121 21.75 -10.17 17.10
CA LEU B 121 22.07 -8.79 17.42
C LEU B 121 21.39 -7.88 16.39
N ARG B 122 21.30 -8.39 15.17
CA ARG B 122 20.68 -7.66 14.07
C ARG B 122 19.17 -7.51 14.34
N ALA B 123 18.54 -8.62 14.69
CA ALA B 123 17.10 -8.65 14.98
C ALA B 123 16.68 -7.72 16.12
N ALA B 124 17.55 -7.58 17.13
CA ALA B 124 17.27 -6.73 18.28
C ALA B 124 17.29 -5.26 17.88
N GLN B 125 18.32 -4.86 17.16
CA GLN B 125 18.43 -3.48 16.68
C GLN B 125 17.26 -3.18 15.73
N ASN B 126 16.92 -4.16 14.89
CA ASN B 126 15.82 -4.05 13.95
C ASN B 126 14.50 -3.94 14.71
N LEU B 127 14.40 -4.57 15.89
CA LEU B 127 13.19 -4.49 16.69
C LEU B 127 12.99 -3.06 17.19
N LEU B 128 14.09 -2.45 17.62
CA LEU B 128 14.05 -1.08 18.14
C LEU B 128 13.74 -0.06 17.06
N ALA B 129 13.95 -0.44 15.80
CA ALA B 129 13.69 0.46 14.68
C ALA B 129 12.19 0.54 14.50
N CYS B 130 11.55 -0.61 14.61
CA CYS B 130 10.10 -0.71 14.47
C CYS B 130 9.46 -0.02 15.66
N GLY B 131 10.16 0.00 16.79
CA GLY B 131 9.63 0.64 17.98
C GLY B 131 9.35 2.11 17.69
N VAL B 132 10.38 2.80 17.18
CA VAL B 132 10.27 4.22 16.85
C VAL B 132 9.15 4.37 15.83
N ALA B 133 9.16 3.48 14.84
CA ALA B 133 8.17 3.52 13.78
C ALA B 133 6.75 3.52 14.32
N LEU B 134 6.45 2.61 15.25
CA LEU B 134 5.12 2.54 15.84
C LEU B 134 4.78 3.71 16.74
N GLY B 135 5.81 4.29 17.39
CA GLY B 135 5.58 5.40 18.28
C GLY B 135 5.60 4.95 19.72
N ALA B 136 6.15 3.76 19.95
CA ALA B 136 6.26 3.18 21.29
C ALA B 136 7.55 3.68 21.93
N LEU B 137 8.63 3.66 21.15
CA LEU B 137 9.94 4.13 21.60
C LEU B 137 10.21 5.52 21.00
N ARG B 138 10.89 6.37 21.77
CA ARG B 138 11.23 7.71 21.31
C ARG B 138 12.42 7.65 20.35
N SER B 139 12.34 8.42 19.26
CA SER B 139 13.42 8.46 18.29
C SER B 139 14.75 8.58 19.04
N ASN B 140 14.70 9.28 20.16
CA ASN B 140 15.86 9.43 21.02
C ASN B 140 15.62 8.46 22.19
N TYR B 141 15.92 7.19 21.97
CA TYR B 141 15.76 6.18 23.01
C TYR B 141 17.11 5.78 23.59
N GLU B 142 17.13 5.57 24.89
CA GLU B 142 18.36 5.22 25.58
C GLU B 142 18.43 3.76 26.00
N VAL B 143 19.47 3.06 25.54
CA VAL B 143 19.66 1.65 25.87
C VAL B 143 20.60 1.44 27.06
N LYS B 144 20.08 0.79 28.10
CA LYS B 144 20.84 0.52 29.32
C LYS B 144 21.04 -0.96 29.55
N GLY B 145 22.21 -1.34 30.05
CA GLY B 145 22.45 -2.74 30.35
C GLY B 145 21.67 -3.11 31.61
N HIS B 146 21.45 -4.39 31.83
CA HIS B 146 20.70 -4.81 33.01
C HIS B 146 21.52 -4.54 34.27
N ARG B 147 22.84 -4.63 34.14
CA ARG B 147 23.74 -4.38 35.26
C ARG B 147 23.55 -2.92 35.63
N ASP B 148 23.46 -2.08 34.61
CA ASP B 148 23.30 -0.64 34.81
C ASP B 148 22.10 -0.26 35.66
N VAL B 149 21.07 -1.10 35.69
CA VAL B 149 19.88 -0.77 36.47
C VAL B 149 19.65 -1.61 37.74
N GLN B 150 20.21 -2.81 37.78
CA GLN B 150 20.05 -3.67 38.95
C GLN B 150 21.33 -4.42 39.27
N PRO B 151 21.51 -4.78 40.55
CA PRO B 151 22.73 -5.51 40.93
C PRO B 151 22.64 -6.93 40.41
N THR B 152 22.94 -7.08 39.11
CA THR B 152 22.87 -8.37 38.45
C THR B 152 24.00 -8.64 37.46
N LEU B 153 24.28 -9.92 37.24
CA LEU B 153 25.34 -10.34 36.32
C LEU B 153 24.87 -10.22 34.86
N SER B 154 23.55 -10.36 34.66
CA SER B 154 22.86 -10.23 33.35
C SER B 154 23.35 -8.88 32.75
N PRO B 155 23.33 -8.74 31.41
CA PRO B 155 23.20 -9.79 30.37
C PRO B 155 24.30 -10.77 30.11
N GLY B 156 25.41 -10.61 30.82
CA GLY B 156 26.55 -11.51 30.62
C GLY B 156 27.71 -10.74 30.03
N ASP B 157 28.90 -10.95 30.59
CA ASP B 157 30.09 -10.24 30.13
C ASP B 157 30.12 -9.97 28.62
N ARG B 158 30.15 -11.06 27.85
CA ARG B 158 30.22 -11.00 26.39
C ARG B 158 29.15 -10.19 25.67
N LEU B 159 27.92 -10.20 26.17
CA LEU B 159 26.84 -9.45 25.54
C LEU B 159 26.79 -8.00 26.02
N TYR B 160 27.23 -7.80 27.25
CA TYR B 160 27.27 -6.46 27.85
C TYR B 160 28.43 -5.70 27.21
N GLU B 161 29.37 -6.48 26.68
CA GLU B 161 30.58 -5.98 26.01
C GLU B 161 30.17 -5.35 24.70
N ILE B 162 29.22 -6.01 24.04
CA ILE B 162 28.74 -5.61 22.77
C ILE B 162 27.63 -4.52 22.73
N ILE B 163 26.78 -4.38 23.75
CA ILE B 163 25.76 -3.30 23.68
C ILE B 163 26.37 -1.94 23.96
N GLN B 164 27.60 -1.93 24.46
CA GLN B 164 28.28 -0.68 24.79
C GLN B 164 28.58 -0.11 23.43
N THR B 165 28.72 -1.04 22.49
CA THR B 165 29.03 -0.72 21.11
C THR B 165 27.87 0.03 20.47
N TRP B 166 26.65 -0.34 20.86
CA TRP B 166 25.42 0.28 20.37
C TRP B 166 25.38 1.79 20.59
N SER B 167 25.08 2.51 19.52
CA SER B 167 25.04 3.97 19.53
C SER B 167 24.17 4.61 20.57
N HIS B 168 23.00 4.03 20.80
CA HIS B 168 22.09 4.59 21.79
C HIS B 168 22.42 4.27 23.26
N TYR B 169 23.45 3.46 23.49
CA TYR B 169 23.82 3.10 24.85
C TYR B 169 24.26 4.31 25.66
N ARG B 170 23.57 4.54 26.77
CA ARG B 170 23.87 5.66 27.66
C ARG B 170 24.53 5.22 28.95
N ALA B 171 25.43 6.08 29.43
CA ALA B 171 26.15 5.82 30.67
C ALA B 171 25.30 6.39 31.80
N GLU C 1 -2.09 -4.79 -46.13
CA GLU C 1 -3.38 -5.50 -46.39
C GLU C 1 -4.55 -4.52 -46.15
N ASP C 2 -5.06 -3.96 -47.24
CA ASP C 2 -6.15 -2.99 -47.25
C ASP C 2 -5.83 -1.87 -46.25
N PRO C 3 -4.62 -1.26 -46.39
CA PRO C 3 -4.13 -0.17 -45.53
C PRO C 3 -5.23 0.54 -44.71
N PRO C 4 -5.39 0.16 -43.42
CA PRO C 4 -6.36 0.68 -42.44
C PRO C 4 -6.74 2.15 -42.66
N ALA C 5 -5.82 2.92 -43.21
CA ALA C 5 -6.11 4.31 -43.58
C ALA C 5 -6.65 5.29 -42.54
N CYS C 6 -6.31 5.11 -41.27
CA CYS C 6 -6.87 6.01 -40.28
C CYS C 6 -5.91 6.73 -39.35
N GLY C 7 -4.62 6.41 -39.48
CA GLY C 7 -3.59 7.02 -38.67
C GLY C 7 -3.31 8.50 -38.93
N SER C 8 -3.82 9.35 -38.05
CA SER C 8 -3.67 10.81 -38.10
C SER C 8 -3.52 11.20 -36.64
N ILE C 9 -2.79 10.36 -35.95
CA ILE C 9 -2.58 10.50 -34.54
C ILE C 9 -1.16 11.04 -34.25
N VAL C 10 -1.02 11.89 -33.23
CA VAL C 10 0.30 12.43 -32.87
C VAL C 10 0.95 11.38 -31.99
N PRO C 11 2.13 10.86 -32.38
CA PRO C 11 2.81 9.83 -31.58
C PRO C 11 3.34 10.34 -30.27
N ARG C 12 3.52 9.44 -29.29
CA ARG C 12 4.05 9.81 -27.99
C ARG C 12 5.32 10.63 -28.22
N ARG C 13 6.17 10.10 -29.09
CA ARG C 13 7.42 10.76 -29.46
C ARG C 13 7.24 12.23 -29.86
N GLU C 14 6.33 12.52 -30.79
CA GLU C 14 6.11 13.93 -31.26
C GLU C 14 5.62 14.88 -30.20
N TRP C 15 4.84 14.44 -29.23
CA TRP C 15 4.42 15.40 -28.20
C TRP C 15 5.27 15.30 -26.95
N ARG C 16 6.34 14.52 -27.06
CA ARG C 16 7.34 14.32 -26.01
C ARG C 16 6.89 13.71 -24.71
N ALA C 17 6.20 12.58 -24.83
CA ALA C 17 5.70 11.88 -23.66
C ALA C 17 6.86 11.30 -22.88
N LEU C 18 6.67 11.21 -21.57
CA LEU C 18 7.65 10.60 -20.68
C LEU C 18 7.53 9.13 -20.99
N ALA C 19 8.56 8.34 -20.72
CA ALA C 19 8.48 6.91 -20.98
C ALA C 19 7.41 6.28 -20.08
N SER C 20 6.69 5.32 -20.62
CA SER C 20 5.62 4.65 -19.89
C SER C 20 6.18 3.45 -19.16
N GLU C 21 5.71 3.22 -17.95
CA GLU C 21 6.17 2.08 -17.18
C GLU C 21 5.04 1.06 -17.09
N CYS C 22 3.96 1.32 -17.83
CA CYS C 22 2.81 0.43 -17.84
C CYS C 22 3.13 -0.78 -18.72
N ARG C 23 2.63 -1.94 -18.31
CA ARG C 23 2.90 -3.17 -19.04
C ARG C 23 1.71 -4.12 -19.15
N GLU C 24 0.60 -3.77 -18.51
CA GLU C 24 -0.63 -4.59 -18.56
C GLU C 24 -1.38 -4.28 -19.84
N ARG C 25 -1.66 -5.32 -20.62
CA ARG C 25 -2.34 -5.15 -21.90
C ARG C 25 -3.83 -5.43 -21.94
N LEU C 26 -4.45 -4.84 -22.96
CA LEU C 26 -5.86 -4.97 -23.24
C LEU C 26 -5.99 -6.16 -24.16
N THR C 27 -7.18 -6.72 -24.22
CA THR C 27 -7.41 -7.84 -25.12
C THR C 27 -8.23 -7.26 -26.26
N ARG C 28 -7.75 -7.38 -27.49
CA ARG C 28 -8.57 -6.88 -28.61
C ARG C 28 -9.20 -8.07 -29.32
N PRO C 29 -10.39 -7.88 -29.89
CA PRO C 29 -11.21 -6.65 -29.95
C PRO C 29 -11.70 -6.14 -28.58
N VAL C 30 -11.73 -4.82 -28.44
CA VAL C 30 -12.18 -4.17 -27.21
C VAL C 30 -13.62 -3.78 -27.46
N ARG C 31 -14.50 -4.01 -26.49
CA ARG C 31 -15.92 -3.69 -26.66
C ARG C 31 -16.39 -2.27 -26.34
N TYR C 32 -15.92 -1.67 -25.24
CA TYR C 32 -16.39 -0.34 -24.87
C TYR C 32 -15.42 0.83 -25.03
N VAL C 33 -15.97 2.04 -25.16
CA VAL C 33 -15.19 3.29 -25.23
C VAL C 33 -15.81 4.23 -24.24
N VAL C 34 -15.01 4.75 -23.33
CA VAL C 34 -15.52 5.68 -22.35
C VAL C 34 -14.97 7.08 -22.62
N VAL C 35 -15.87 8.04 -22.85
CA VAL C 35 -15.41 9.41 -23.10
C VAL C 35 -15.46 10.23 -21.86
N SER C 36 -14.35 10.88 -21.59
CA SER C 36 -14.20 11.74 -20.44
C SER C 36 -13.58 13.03 -20.92
N HIS C 37 -13.36 13.95 -19.99
CA HIS C 37 -12.72 15.21 -20.29
C HIS C 37 -11.66 15.48 -19.23
N THR C 38 -10.65 16.28 -19.52
CA THR C 38 -9.60 16.54 -18.52
C THR C 38 -10.07 17.52 -17.44
N ALA C 39 -11.08 18.32 -17.78
CA ALA C 39 -11.61 19.33 -16.88
C ALA C 39 -10.52 20.35 -16.60
N GLY C 40 -9.46 20.32 -17.41
CA GLY C 40 -8.38 21.27 -17.27
C GLY C 40 -8.57 22.33 -18.34
N SER C 41 -7.50 23.03 -18.71
CA SER C 41 -7.62 24.05 -19.73
C SER C 41 -7.56 23.42 -21.11
N HIS C 42 -8.21 24.09 -22.03
CA HIS C 42 -8.31 23.64 -23.39
C HIS C 42 -7.23 24.21 -24.34
N CYS C 43 -6.82 23.46 -25.38
CA CYS C 43 -5.80 23.97 -26.33
C CYS C 43 -6.37 23.92 -27.75
N ASP C 44 -5.93 24.87 -28.57
CA ASP C 44 -6.41 25.02 -29.94
C ASP C 44 -5.36 24.93 -31.05
N THR C 45 -4.09 24.88 -30.66
CA THR C 45 -3.01 24.79 -31.63
C THR C 45 -2.21 23.51 -31.40
N PRO C 46 -1.52 23.00 -32.44
CA PRO C 46 -0.74 21.78 -32.24
C PRO C 46 0.39 22.06 -31.25
N ALA C 47 0.74 23.33 -31.13
CA ALA C 47 1.83 23.72 -30.26
C ALA C 47 1.40 23.75 -28.81
N SER C 48 0.28 24.42 -28.55
CA SER C 48 -0.24 24.53 -27.20
C SER C 48 -0.77 23.19 -26.68
N CYS C 49 -1.21 22.35 -27.59
CA CYS C 49 -1.73 21.04 -27.23
C CYS C 49 -0.60 20.09 -26.86
N ALA C 50 0.52 20.13 -27.58
CA ALA C 50 1.64 19.26 -27.26
C ALA C 50 2.09 19.58 -25.84
N GLN C 51 1.77 20.78 -25.37
CA GLN C 51 2.15 21.22 -24.04
C GLN C 51 1.11 20.67 -23.07
N GLN C 52 -0.17 20.82 -23.41
CA GLN C 52 -1.22 20.32 -22.53
C GLN C 52 -1.15 18.81 -22.40
N ALA C 53 -0.87 18.11 -23.50
CA ALA C 53 -0.80 16.65 -23.42
C ALA C 53 0.26 16.30 -22.40
N GLN C 54 1.35 17.05 -22.40
CA GLN C 54 2.44 16.82 -21.47
C GLN C 54 2.07 17.08 -20.02
N ASN C 55 1.25 18.09 -19.81
CA ASN C 55 0.83 18.46 -18.46
C ASN C 55 -0.05 17.41 -17.83
N VAL C 56 -1.09 17.03 -18.56
CA VAL C 56 -1.98 16.02 -18.08
C VAL C 56 -1.18 14.79 -17.65
N GLN C 57 -0.30 14.30 -18.52
CA GLN C 57 0.53 13.13 -18.23
C GLN C 57 1.40 13.38 -16.98
N SER C 58 1.89 14.61 -16.86
CA SER C 58 2.73 14.98 -15.72
C SER C 58 1.96 14.87 -14.41
N TYR C 59 0.76 15.41 -14.40
CA TYR C 59 -0.10 15.40 -13.22
C TYR C 59 -0.45 13.97 -12.87
N HIS C 60 -0.47 13.08 -13.87
CA HIS C 60 -0.79 11.67 -13.66
C HIS C 60 0.38 10.87 -13.15
N VAL C 61 1.55 11.04 -13.76
CA VAL C 61 2.74 10.29 -13.33
C VAL C 61 3.53 10.88 -12.16
N ARG C 62 3.59 12.20 -12.04
CA ARG C 62 4.35 12.83 -10.94
C ARG C 62 3.58 13.02 -9.65
N ASN C 63 2.32 13.41 -9.75
CA ASN C 63 1.52 13.61 -8.55
C ASN C 63 0.90 12.33 -8.06
N LEU C 64 0.16 11.65 -8.93
CA LEU C 64 -0.49 10.42 -8.55
C LEU C 64 0.44 9.22 -8.57
N GLY C 65 1.59 9.36 -9.22
CA GLY C 65 2.53 8.25 -9.28
C GLY C 65 2.04 7.10 -10.13
N TRP C 66 1.32 7.43 -11.20
CA TRP C 66 0.79 6.44 -12.12
C TRP C 66 1.87 6.04 -13.13
N CYS C 67 1.76 4.84 -13.68
CA CYS C 67 2.75 4.34 -14.66
C CYS C 67 2.84 5.16 -15.96
N ASP C 68 1.78 5.90 -16.27
CA ASP C 68 1.71 6.76 -17.44
C ASP C 68 0.38 7.46 -17.41
N VAL C 69 0.14 8.39 -18.33
CA VAL C 69 -1.15 9.08 -18.34
C VAL C 69 -2.20 7.97 -18.39
N GLY C 70 -3.33 8.19 -17.73
CA GLY C 70 -4.35 7.16 -17.67
C GLY C 70 -5.24 6.88 -18.84
N TYR C 71 -5.32 7.81 -19.79
CA TYR C 71 -6.18 7.63 -20.95
C TYR C 71 -5.42 6.96 -22.08
N ASN C 72 -6.16 6.43 -23.05
CA ASN C 72 -5.55 5.77 -24.18
C ASN C 72 -5.27 6.77 -25.29
N PHE C 73 -6.15 7.76 -25.42
CA PHE C 73 -6.00 8.81 -26.41
C PHE C 73 -6.57 10.13 -25.86
N LEU C 74 -5.98 11.24 -26.29
CA LEU C 74 -6.47 12.55 -25.88
C LEU C 74 -6.83 13.35 -27.12
N ILE C 75 -8.02 13.95 -27.11
CA ILE C 75 -8.48 14.74 -28.24
C ILE C 75 -8.34 16.22 -27.90
N GLY C 76 -7.78 16.99 -28.83
CA GLY C 76 -7.60 18.42 -28.60
C GLY C 76 -8.43 19.28 -29.52
N GLU C 77 -8.65 20.52 -29.11
CA GLU C 77 -9.44 21.46 -29.90
C GLU C 77 -8.63 21.87 -31.09
N ASP C 78 -7.45 21.27 -31.23
CA ASP C 78 -6.58 21.54 -32.36
C ASP C 78 -7.04 20.69 -33.54
N GLY C 79 -7.95 19.74 -33.25
CA GLY C 79 -8.49 18.86 -34.27
C GLY C 79 -7.64 17.62 -34.49
N LEU C 80 -6.68 17.42 -33.58
CA LEU C 80 -5.74 16.30 -33.63
C LEU C 80 -5.88 15.35 -32.47
N VAL C 81 -5.54 14.09 -32.70
CA VAL C 81 -5.63 13.05 -31.68
C VAL C 81 -4.23 12.74 -31.16
N TYR C 82 -4.10 12.69 -29.85
CA TYR C 82 -2.82 12.40 -29.21
C TYR C 82 -2.78 11.02 -28.58
N GLU C 83 -1.74 10.28 -28.93
CA GLU C 83 -1.53 8.93 -28.44
C GLU C 83 -1.17 8.95 -26.96
N GLY C 84 -1.86 8.14 -26.18
CA GLY C 84 -1.61 8.04 -24.75
C GLY C 84 -1.09 6.63 -24.57
N ARG C 85 -1.90 5.74 -24.01
CA ARG C 85 -1.45 4.37 -23.83
C ARG C 85 -1.70 3.55 -25.10
N GLY C 86 -2.46 4.11 -26.03
CA GLY C 86 -2.71 3.42 -27.27
C GLY C 86 -3.80 2.37 -27.28
N TRP C 87 -3.87 1.60 -28.36
CA TRP C 87 -4.87 0.58 -28.54
C TRP C 87 -4.63 -0.68 -27.75
N ASN C 88 -3.41 -0.86 -27.25
CA ASN C 88 -3.07 -2.11 -26.59
C ASN C 88 -2.85 -2.16 -25.09
N ILE C 89 -2.13 -1.20 -24.55
CA ILE C 89 -1.89 -1.18 -23.13
C ILE C 89 -3.17 -0.69 -22.40
N LYS C 90 -3.53 -1.36 -21.30
CA LYS C 90 -4.72 -1.04 -20.50
C LYS C 90 -4.61 0.30 -19.77
N GLY C 91 -5.61 1.15 -19.92
CA GLY C 91 -5.55 2.44 -19.26
C GLY C 91 -5.98 2.41 -17.82
N ALA C 92 -6.12 3.60 -17.24
CA ALA C 92 -6.56 3.78 -15.86
C ALA C 92 -7.45 5.01 -15.93
N HIS C 93 -8.74 4.81 -16.17
CA HIS C 93 -9.68 5.91 -16.36
C HIS C 93 -11.15 5.70 -15.94
N ALA C 94 -11.51 4.50 -15.48
CA ALA C 94 -12.90 4.22 -15.11
C ALA C 94 -13.11 3.19 -14.00
N GLY C 95 -12.05 2.73 -13.36
CA GLY C 95 -12.23 1.77 -12.28
C GLY C 95 -11.87 0.35 -12.66
N PRO C 96 -11.76 -0.56 -11.68
CA PRO C 96 -11.41 -1.97 -11.85
C PRO C 96 -12.30 -2.74 -12.81
N THR C 97 -13.53 -2.24 -13.02
CA THR C 97 -14.48 -2.93 -13.87
C THR C 97 -14.36 -2.67 -15.35
N TRP C 98 -14.28 -1.40 -15.71
CA TRP C 98 -14.20 -1.01 -17.13
C TRP C 98 -12.80 -0.87 -17.71
N ASN C 99 -11.83 -0.51 -16.89
CA ASN C 99 -10.47 -0.36 -17.38
C ASN C 99 -10.00 -1.58 -18.17
N PRO C 100 -10.33 -2.80 -17.70
CA PRO C 100 -9.88 -3.99 -18.44
C PRO C 100 -10.64 -4.24 -19.76
N ILE C 101 -11.82 -3.66 -19.91
CA ILE C 101 -12.68 -3.87 -21.09
C ILE C 101 -12.98 -2.67 -21.97
N SER C 102 -12.21 -1.61 -21.86
CA SER C 102 -12.55 -0.47 -22.68
C SER C 102 -11.40 0.46 -22.97
N ILE C 103 -11.57 1.29 -23.99
CA ILE C 103 -10.58 2.27 -24.32
C ILE C 103 -11.06 3.63 -23.78
N GLY C 104 -10.13 4.44 -23.26
CA GLY C 104 -10.54 5.71 -22.71
C GLY C 104 -10.05 6.95 -23.43
N ILE C 105 -10.92 7.52 -24.25
CA ILE C 105 -10.56 8.74 -24.98
C ILE C 105 -11.00 9.90 -24.12
N SER C 106 -10.21 10.97 -24.11
CA SER C 106 -10.53 12.13 -23.30
C SER C 106 -10.27 13.43 -24.01
N PHE C 107 -11.28 14.29 -23.98
CA PHE C 107 -11.19 15.61 -24.59
C PHE C 107 -10.45 16.49 -23.61
N MET C 108 -9.44 17.22 -24.08
CA MET C 108 -8.65 18.07 -23.21
C MET C 108 -9.23 19.45 -22.92
N GLY C 109 -10.16 19.49 -21.97
CA GLY C 109 -10.78 20.75 -21.58
C GLY C 109 -11.90 20.55 -20.58
N ASN C 110 -12.64 21.62 -20.27
CA ASN C 110 -13.75 21.55 -19.33
C ASN C 110 -15.01 21.90 -20.09
N TYR C 111 -15.77 20.89 -20.46
CA TYR C 111 -16.97 21.09 -21.26
C TYR C 111 -18.30 21.08 -20.51
N MET C 112 -18.26 21.58 -19.29
CA MET C 112 -19.45 21.70 -18.46
C MET C 112 -20.33 22.75 -19.15
N ASN C 113 -19.73 23.90 -19.47
CA ASN C 113 -20.47 24.97 -20.15
C ASN C 113 -19.87 25.42 -21.48
N ARG C 114 -19.41 24.44 -22.26
CA ARG C 114 -18.81 24.67 -23.58
C ARG C 114 -19.04 23.47 -24.48
N VAL C 115 -18.85 23.68 -25.78
CA VAL C 115 -18.99 22.60 -26.74
C VAL C 115 -17.67 22.49 -27.48
N PRO C 116 -17.17 21.28 -27.62
CA PRO C 116 -15.91 21.10 -28.32
C PRO C 116 -16.10 21.37 -29.82
N PRO C 117 -15.17 22.13 -30.42
CA PRO C 117 -15.18 22.48 -31.85
C PRO C 117 -15.44 21.27 -32.74
N PRO C 118 -16.07 21.49 -33.92
CA PRO C 118 -16.36 20.38 -34.83
C PRO C 118 -15.15 19.53 -35.13
N ARG C 119 -14.06 20.17 -35.50
CA ARG C 119 -12.83 19.45 -35.82
C ARG C 119 -12.40 18.47 -34.71
N ALA C 120 -12.71 18.81 -33.47
CA ALA C 120 -12.38 17.98 -32.32
C ALA C 120 -13.32 16.79 -32.30
N LEU C 121 -14.59 17.06 -32.56
CA LEU C 121 -15.58 16.00 -32.58
C LEU C 121 -15.25 15.06 -33.74
N ARG C 122 -14.87 15.64 -34.88
CA ARG C 122 -14.53 14.85 -36.04
C ARG C 122 -13.34 13.93 -35.73
N ALA C 123 -12.29 14.48 -35.14
CA ALA C 123 -11.13 13.68 -34.83
C ALA C 123 -11.52 12.54 -33.91
N ALA C 124 -12.43 12.80 -32.98
CA ALA C 124 -12.89 11.78 -32.05
C ALA C 124 -13.62 10.70 -32.82
N GLN C 125 -14.67 11.09 -33.53
CA GLN C 125 -15.50 10.19 -34.31
C GLN C 125 -14.64 9.38 -35.28
N ASN C 126 -13.60 10.03 -35.78
CA ASN C 126 -12.66 9.43 -36.72
C ASN C 126 -11.82 8.37 -36.03
N LEU C 127 -11.24 8.74 -34.90
CA LEU C 127 -10.42 7.83 -34.10
C LEU C 127 -11.12 6.49 -33.92
N LEU C 128 -12.36 6.52 -33.47
CA LEU C 128 -13.14 5.29 -33.27
C LEU C 128 -13.22 4.50 -34.57
N ALA C 129 -13.41 5.23 -35.67
CA ALA C 129 -13.51 4.59 -36.98
C ALA C 129 -12.22 3.82 -37.23
N CYS C 130 -11.10 4.41 -36.82
CA CYS C 130 -9.77 3.82 -36.93
C CYS C 130 -9.78 2.53 -36.14
N GLY C 131 -10.34 2.64 -34.94
CA GLY C 131 -10.42 1.50 -34.06
C GLY C 131 -10.95 0.26 -34.74
N VAL C 132 -12.12 0.37 -35.36
CA VAL C 132 -12.73 -0.77 -36.03
C VAL C 132 -11.85 -1.33 -37.14
N ALA C 133 -11.32 -0.43 -37.98
CA ALA C 133 -10.46 -0.81 -39.11
C ALA C 133 -9.22 -1.61 -38.71
N LEU C 134 -8.57 -1.21 -37.62
CA LEU C 134 -7.39 -1.91 -37.14
C LEU C 134 -7.83 -3.17 -36.42
N GLY C 135 -9.04 -3.16 -35.88
CA GLY C 135 -9.54 -4.33 -35.19
C GLY C 135 -9.40 -4.21 -33.70
N ALA C 136 -9.03 -3.03 -33.24
CA ALA C 136 -8.86 -2.79 -31.81
C ALA C 136 -10.22 -2.70 -31.12
N LEU C 137 -11.20 -2.11 -31.81
CA LEU C 137 -12.57 -1.98 -31.29
C LEU C 137 -13.46 -2.91 -32.08
N ARG C 138 -14.50 -3.45 -31.43
CA ARG C 138 -15.46 -4.32 -32.12
C ARG C 138 -16.16 -3.45 -33.14
N SER C 139 -16.50 -4.04 -34.28
CA SER C 139 -17.23 -3.28 -35.30
C SER C 139 -18.43 -2.61 -34.62
N ASN C 140 -19.07 -3.31 -33.68
CA ASN C 140 -20.22 -2.76 -32.97
C ASN C 140 -19.89 -2.39 -31.51
N TYR C 141 -18.94 -1.48 -31.34
CA TYR C 141 -18.53 -1.04 -30.02
C TYR C 141 -19.60 -0.19 -29.35
N GLU C 142 -19.52 -0.08 -28.03
CA GLU C 142 -20.47 0.73 -27.27
C GLU C 142 -19.75 1.94 -26.65
N VAL C 143 -20.25 3.13 -26.94
CA VAL C 143 -19.70 4.36 -26.38
C VAL C 143 -20.44 4.64 -25.07
N LYS C 144 -19.74 5.25 -24.12
CA LYS C 144 -20.34 5.53 -22.82
C LYS C 144 -19.78 6.83 -22.26
N GLY C 145 -20.56 7.49 -21.41
CA GLY C 145 -20.08 8.72 -20.80
C GLY C 145 -19.27 8.29 -19.60
N HIS C 146 -18.40 9.17 -19.12
CA HIS C 146 -17.58 8.85 -17.96
C HIS C 146 -18.49 8.77 -16.74
N ARG C 147 -19.43 9.70 -16.62
CA ARG C 147 -20.34 9.68 -15.47
C ARG C 147 -21.30 8.50 -15.45
N ASP C 148 -21.41 7.79 -16.57
CA ASP C 148 -22.28 6.62 -16.66
C ASP C 148 -21.71 5.48 -15.86
N VAL C 149 -20.41 5.57 -15.56
CA VAL C 149 -19.71 4.49 -14.86
C VAL C 149 -19.01 4.94 -13.58
N GLN C 150 -18.95 6.24 -13.36
CA GLN C 150 -18.30 6.79 -12.17
C GLN C 150 -19.06 8.03 -11.70
N PRO C 151 -18.97 8.32 -10.40
CA PRO C 151 -19.67 9.49 -9.89
C PRO C 151 -18.85 10.73 -10.20
N THR C 152 -18.96 11.19 -11.43
CA THR C 152 -18.26 12.38 -11.80
C THR C 152 -19.10 13.17 -12.78
N LEU C 153 -18.55 14.33 -13.10
CA LEU C 153 -19.19 15.27 -13.98
C LEU C 153 -18.76 15.13 -15.46
N SER C 154 -17.66 14.42 -15.69
CA SER C 154 -17.14 14.16 -17.03
C SER C 154 -18.22 13.49 -17.87
N PRO C 155 -18.20 13.69 -19.21
CA PRO C 155 -17.23 14.50 -19.96
C PRO C 155 -17.57 15.99 -20.01
N GLY C 156 -18.47 16.42 -19.15
CA GLY C 156 -18.89 17.80 -19.17
C GLY C 156 -20.34 17.76 -19.63
N ASP C 157 -21.14 18.69 -19.11
CA ASP C 157 -22.57 18.74 -19.41
C ASP C 157 -22.95 18.77 -20.89
N ARG C 158 -22.45 19.77 -21.61
CA ARG C 158 -22.78 19.92 -23.03
C ARG C 158 -22.18 18.81 -23.92
N LEU C 159 -21.00 18.31 -23.54
CA LEU C 159 -20.31 17.24 -24.28
C LEU C 159 -21.04 15.93 -24.07
N TYR C 160 -21.51 15.74 -22.83
CA TYR C 160 -22.22 14.51 -22.49
C TYR C 160 -23.52 14.45 -23.29
N GLU C 161 -24.08 15.61 -23.59
CA GLU C 161 -25.31 15.63 -24.34
C GLU C 161 -25.04 15.28 -25.77
N ILE C 162 -23.86 15.66 -26.22
CA ILE C 162 -23.47 15.42 -27.59
C ILE C 162 -23.29 13.91 -27.84
N ILE C 163 -22.65 13.19 -26.90
CA ILE C 163 -22.43 11.75 -27.09
C ILE C 163 -23.66 10.85 -27.01
N GLN C 164 -24.65 11.28 -26.26
CA GLN C 164 -25.87 10.50 -26.13
C GLN C 164 -26.57 10.47 -27.47
N THR C 165 -26.08 11.31 -28.38
CA THR C 165 -26.61 11.44 -29.73
C THR C 165 -25.96 10.44 -30.68
N TRP C 166 -24.68 10.18 -30.47
CA TRP C 166 -23.93 9.24 -31.31
C TRP C 166 -24.63 7.89 -31.46
N SER C 167 -24.35 7.18 -32.54
CA SER C 167 -24.99 5.90 -32.79
C SER C 167 -24.51 4.73 -31.94
N HIS C 168 -23.25 4.76 -31.52
CA HIS C 168 -22.74 3.66 -30.72
C HIS C 168 -22.92 3.86 -29.22
N TYR C 169 -23.67 4.89 -28.82
CA TYR C 169 -23.93 5.14 -27.40
C TYR C 169 -24.91 4.10 -26.88
N ARG C 170 -24.80 3.77 -25.60
CA ARG C 170 -25.68 2.78 -24.98
C ARG C 170 -25.95 3.18 -23.53
N ALA C 171 -27.22 3.40 -23.20
CA ALA C 171 -27.66 3.78 -21.85
C ALA C 171 -26.75 3.26 -20.75
N GLU D 1 -14.22 12.27 31.64
CA GLU D 1 -13.67 10.91 31.38
C GLU D 1 -13.25 10.69 29.91
N ASP D 2 -13.44 9.47 29.42
CA ASP D 2 -13.00 9.10 28.08
C ASP D 2 -13.87 8.20 27.17
N PRO D 3 -15.14 7.90 27.53
CA PRO D 3 -15.96 7.04 26.65
C PRO D 3 -16.04 7.54 25.19
N PRO D 4 -16.68 6.75 24.28
CA PRO D 4 -16.79 7.15 22.87
C PRO D 4 -16.97 8.66 22.73
N ALA D 5 -18.00 9.17 23.40
CA ALA D 5 -18.27 10.60 23.37
C ALA D 5 -18.19 11.10 21.92
N CYS D 6 -18.74 10.32 20.99
CA CYS D 6 -18.72 10.68 19.57
C CYS D 6 -19.71 11.75 19.17
N GLY D 7 -19.60 12.18 17.92
CA GLY D 7 -20.47 13.21 17.39
C GLY D 7 -21.88 12.70 17.15
N SER D 8 -22.64 13.44 16.35
CA SER D 8 -24.00 13.04 16.03
C SER D 8 -24.15 12.80 14.55
N ILE D 9 -24.23 11.52 14.20
CA ILE D 9 -24.36 11.11 12.82
C ILE D 9 -25.83 10.77 12.57
N VAL D 10 -26.39 11.30 11.49
CA VAL D 10 -27.77 11.02 11.14
C VAL D 10 -27.73 9.61 10.58
N PRO D 11 -28.45 8.67 11.19
CA PRO D 11 -28.48 7.28 10.73
C PRO D 11 -29.22 7.16 9.40
N ARG D 12 -28.99 6.04 8.71
CA ARG D 12 -29.61 5.78 7.42
C ARG D 12 -31.15 5.86 7.45
N ARG D 13 -31.77 5.16 8.40
CA ARG D 13 -33.22 5.19 8.50
C ARG D 13 -33.77 6.60 8.46
N GLU D 14 -33.16 7.47 9.25
CA GLU D 14 -33.61 8.85 9.33
C GLU D 14 -33.66 9.58 8.00
N TRP D 15 -32.77 9.25 7.05
CA TRP D 15 -32.83 9.90 5.75
C TRP D 15 -33.31 8.89 4.70
N ARG D 16 -33.92 7.82 5.22
CA ARG D 16 -34.53 6.74 4.45
C ARG D 16 -33.73 6.15 3.27
N ALA D 17 -32.49 5.75 3.53
CA ALA D 17 -31.59 5.16 2.54
C ALA D 17 -32.12 3.82 2.08
N LEU D 18 -31.75 3.41 0.86
CA LEU D 18 -32.16 2.12 0.34
C LEU D 18 -31.26 1.14 1.10
N ALA D 19 -31.65 -0.14 1.16
CA ALA D 19 -30.83 -1.14 1.86
C ALA D 19 -29.42 -1.33 1.26
N SER D 20 -28.42 -1.38 2.13
CA SER D 20 -27.04 -1.55 1.67
C SER D 20 -26.84 -2.98 1.23
N GLU D 21 -26.18 -3.15 0.10
CA GLU D 21 -25.96 -4.49 -0.41
C GLU D 21 -24.52 -4.93 -0.26
N CYS D 22 -23.72 -4.00 0.24
CA CYS D 22 -22.30 -4.21 0.42
C CYS D 22 -21.94 -5.22 1.48
N ARG D 23 -20.83 -5.89 1.21
CA ARG D 23 -20.30 -6.95 2.02
C ARG D 23 -18.86 -6.82 2.42
N GLU D 24 -18.11 -6.07 1.62
CA GLU D 24 -16.71 -5.91 1.87
C GLU D 24 -16.42 -5.18 3.16
N ARG D 25 -15.35 -5.58 3.81
CA ARG D 25 -15.00 -5.03 5.10
C ARG D 25 -13.67 -4.29 5.20
N LEU D 26 -13.66 -3.15 5.88
CA LEU D 26 -12.42 -2.40 6.08
C LEU D 26 -11.81 -2.97 7.33
N THR D 27 -10.50 -2.90 7.47
CA THR D 27 -9.84 -3.43 8.66
C THR D 27 -9.34 -2.28 9.54
N ARG D 28 -10.08 -1.99 10.61
CA ARG D 28 -9.73 -0.90 11.53
C ARG D 28 -8.50 -1.26 12.37
N PRO D 29 -7.71 -0.26 12.78
CA PRO D 29 -7.89 1.17 12.52
C PRO D 29 -7.42 1.60 11.13
N VAL D 30 -8.19 2.48 10.51
CA VAL D 30 -7.91 2.97 9.20
C VAL D 30 -6.88 4.13 9.26
N ARG D 31 -6.02 4.22 8.25
CA ARG D 31 -4.98 5.25 8.23
C ARG D 31 -5.27 6.50 7.41
N TYR D 32 -6.01 6.34 6.33
CA TYR D 32 -6.31 7.46 5.45
C TYR D 32 -7.76 7.95 5.40
N VAL D 33 -7.94 9.22 5.01
CA VAL D 33 -9.25 9.84 4.79
C VAL D 33 -9.10 10.65 3.52
N VAL D 34 -10.01 10.41 2.58
CA VAL D 34 -10.00 11.12 1.32
C VAL D 34 -11.22 12.06 1.30
N VAL D 35 -10.95 13.35 1.33
CA VAL D 35 -12.01 14.33 1.32
C VAL D 35 -12.47 14.60 -0.12
N SER D 36 -13.78 14.45 -0.38
CA SER D 36 -14.36 14.61 -1.72
C SER D 36 -15.46 15.66 -1.74
N HIS D 37 -16.18 15.74 -2.85
CA HIS D 37 -17.32 16.62 -2.97
C HIS D 37 -18.23 16.04 -4.06
N THR D 38 -19.53 15.97 -3.77
CA THR D 38 -20.51 15.40 -4.69
C THR D 38 -20.59 16.17 -6.01
N ALA D 39 -20.08 17.39 -6.02
CA ALA D 39 -20.07 18.23 -7.20
C ALA D 39 -21.47 18.60 -7.69
N GLY D 40 -22.46 18.40 -6.82
CA GLY D 40 -23.84 18.72 -7.15
C GLY D 40 -24.32 19.94 -6.40
N SER D 41 -25.59 19.93 -6.01
CA SER D 41 -26.18 21.06 -5.30
C SER D 41 -26.02 20.87 -3.80
N HIS D 42 -25.88 21.99 -3.08
CA HIS D 42 -25.75 21.95 -1.62
C HIS D 42 -27.12 21.98 -0.89
N CYS D 43 -27.08 21.99 0.44
CA CYS D 43 -28.30 22.01 1.25
C CYS D 43 -28.04 22.64 2.63
N ASP D 44 -29.09 23.27 3.18
CA ASP D 44 -29.03 23.98 4.45
C ASP D 44 -30.07 23.66 5.54
N THR D 45 -30.79 22.56 5.37
CA THR D 45 -31.80 22.16 6.34
C THR D 45 -31.71 20.65 6.46
N PRO D 46 -32.02 20.11 7.64
CA PRO D 46 -31.95 18.65 7.81
C PRO D 46 -32.91 17.98 6.85
N ALA D 47 -33.87 18.77 6.37
CA ALA D 47 -34.91 18.33 5.45
C ALA D 47 -34.44 18.21 4.00
N SER D 48 -33.72 19.23 3.52
CA SER D 48 -33.22 19.22 2.15
C SER D 48 -31.97 18.37 2.02
N CYS D 49 -31.14 18.30 3.06
CA CYS D 49 -29.93 17.49 3.03
C CYS D 49 -30.24 16.01 3.05
N ALA D 50 -31.35 15.64 3.69
CA ALA D 50 -31.75 14.24 3.75
C ALA D 50 -32.16 13.87 2.35
N GLN D 51 -32.72 14.84 1.67
CA GLN D 51 -33.13 14.57 0.33
C GLN D 51 -31.94 14.41 -0.58
N GLN D 52 -30.98 15.34 -0.47
CA GLN D 52 -29.76 15.30 -1.26
C GLN D 52 -29.11 13.93 -1.08
N ALA D 53 -29.03 13.48 0.17
CA ALA D 53 -28.41 12.20 0.48
C ALA D 53 -29.02 11.10 -0.38
N GLN D 54 -30.31 11.17 -0.61
CA GLN D 54 -30.96 10.13 -1.39
C GLN D 54 -30.65 10.24 -2.91
N ASN D 55 -30.54 11.45 -3.46
CA ASN D 55 -30.21 11.61 -4.87
C ASN D 55 -28.86 10.94 -5.09
N VAL D 56 -27.88 11.45 -4.36
CA VAL D 56 -26.52 10.92 -4.43
C VAL D 56 -26.54 9.40 -4.30
N GLN D 57 -27.26 8.86 -3.34
CA GLN D 57 -27.28 7.42 -3.20
C GLN D 57 -27.95 6.72 -4.38
N SER D 58 -29.14 7.15 -4.79
CA SER D 58 -29.82 6.48 -5.90
C SER D 58 -28.99 6.46 -7.18
N TYR D 59 -28.35 7.59 -7.47
CA TYR D 59 -27.51 7.71 -8.64
C TYR D 59 -26.38 6.68 -8.55
N HIS D 60 -25.84 6.49 -7.35
CA HIS D 60 -24.74 5.55 -7.14
C HIS D 60 -25.21 4.09 -7.13
N VAL D 61 -26.47 3.87 -6.77
CA VAL D 61 -26.99 2.50 -6.67
C VAL D 61 -27.76 1.94 -7.88
N ARG D 62 -28.57 2.76 -8.54
CA ARG D 62 -29.33 2.26 -9.68
C ARG D 62 -28.75 2.69 -11.03
N ASN D 63 -28.01 3.80 -11.07
CA ASN D 63 -27.41 4.22 -12.33
C ASN D 63 -26.08 3.50 -12.54
N LEU D 64 -25.23 3.52 -11.52
CA LEU D 64 -23.93 2.86 -11.62
C LEU D 64 -24.01 1.39 -11.17
N GLY D 65 -25.10 1.02 -10.52
CA GLY D 65 -25.27 -0.35 -10.08
C GLY D 65 -24.35 -0.75 -8.95
N TRP D 66 -24.19 0.13 -7.97
CA TRP D 66 -23.34 -0.16 -6.81
C TRP D 66 -24.16 -0.62 -5.63
N CYS D 67 -23.51 -1.29 -4.68
CA CYS D 67 -24.15 -1.87 -3.50
C CYS D 67 -24.68 -0.89 -2.45
N ASP D 68 -24.29 0.38 -2.57
CA ASP D 68 -24.73 1.41 -1.64
C ASP D 68 -24.04 2.69 -2.06
N VAL D 69 -24.44 3.82 -1.49
CA VAL D 69 -23.81 5.08 -1.85
C VAL D 69 -22.32 4.87 -1.70
N GLY D 70 -21.55 5.45 -2.61
CA GLY D 70 -20.11 5.27 -2.59
C GLY D 70 -19.33 5.76 -1.38
N TYR D 71 -19.77 6.84 -0.77
CA TYR D 71 -19.06 7.41 0.38
C TYR D 71 -19.41 6.75 1.70
N ASN D 72 -18.49 6.84 2.64
CA ASN D 72 -18.67 6.26 3.96
C ASN D 72 -19.52 7.24 4.75
N PHE D 73 -19.26 8.53 4.54
CA PHE D 73 -19.98 9.60 5.22
C PHE D 73 -20.19 10.80 4.29
N LEU D 74 -21.32 11.48 4.48
CA LEU D 74 -21.65 12.64 3.68
C LEU D 74 -21.90 13.83 4.62
N ILE D 75 -21.10 14.88 4.45
CA ILE D 75 -21.24 16.08 5.25
C ILE D 75 -22.27 17.01 4.61
N GLY D 76 -23.09 17.67 5.43
CA GLY D 76 -24.10 18.57 4.90
C GLY D 76 -23.82 19.96 5.42
N GLU D 77 -24.25 20.99 4.69
CA GLU D 77 -24.00 22.35 5.14
C GLU D 77 -25.02 22.76 6.21
N ASP D 78 -25.92 21.85 6.53
CA ASP D 78 -26.90 22.08 7.56
C ASP D 78 -26.19 21.89 8.89
N GLY D 79 -24.98 21.37 8.82
CA GLY D 79 -24.20 21.14 10.02
C GLY D 79 -24.27 19.71 10.52
N LEU D 80 -24.84 18.79 9.75
CA LEU D 80 -24.90 17.38 10.19
C LEU D 80 -24.27 16.41 9.25
N VAL D 81 -23.70 15.36 9.82
CA VAL D 81 -23.03 14.29 9.08
C VAL D 81 -24.03 13.21 8.79
N TYR D 82 -24.16 12.88 7.52
CA TYR D 82 -25.08 11.86 7.09
C TYR D 82 -24.33 10.57 6.81
N GLU D 83 -24.73 9.52 7.51
CA GLU D 83 -24.12 8.20 7.38
C GLU D 83 -24.21 7.57 5.99
N GLY D 84 -23.04 7.20 5.47
CA GLY D 84 -22.95 6.55 4.18
C GLY D 84 -22.79 5.08 4.52
N ARG D 85 -21.73 4.42 4.06
CA ARG D 85 -21.58 3.02 4.42
C ARG D 85 -20.87 2.82 5.75
N GLY D 86 -20.64 3.91 6.45
CA GLY D 86 -20.03 3.84 7.77
C GLY D 86 -18.55 3.60 7.98
N TRP D 87 -18.20 3.26 9.22
CA TRP D 87 -16.82 3.03 9.63
C TRP D 87 -16.25 1.65 9.31
N ASN D 88 -17.10 0.70 8.93
CA ASN D 88 -16.62 -0.66 8.70
C ASN D 88 -16.67 -1.25 7.29
N ILE D 89 -17.49 -0.65 6.44
CA ILE D 89 -17.67 -1.13 5.08
C ILE D 89 -16.80 -0.37 4.06
N LYS D 90 -16.06 -1.13 3.26
CA LYS D 90 -15.19 -0.56 2.24
C LYS D 90 -16.05 0.22 1.25
N GLY D 91 -15.69 1.47 1.01
CA GLY D 91 -16.45 2.29 0.08
C GLY D 91 -15.76 2.51 -1.26
N ALA D 92 -16.49 2.99 -2.24
CA ALA D 92 -15.95 3.28 -3.55
C ALA D 92 -15.88 4.79 -3.71
N HIS D 93 -14.68 5.35 -3.60
CA HIS D 93 -14.52 6.79 -3.72
C HIS D 93 -13.20 7.27 -4.33
N ALA D 94 -12.16 6.45 -4.26
CA ALA D 94 -10.86 6.83 -4.83
C ALA D 94 -10.02 5.69 -5.41
N GLY D 95 -10.59 4.91 -6.32
CA GLY D 95 -9.84 3.83 -6.95
C GLY D 95 -9.38 2.66 -6.10
N PRO D 96 -9.19 1.47 -6.73
CA PRO D 96 -8.75 0.22 -6.09
C PRO D 96 -7.51 0.28 -5.21
N THR D 97 -6.79 1.38 -5.29
CA THR D 97 -5.55 1.53 -4.52
C THR D 97 -5.81 2.07 -3.11
N TRP D 98 -6.72 3.03 -3.01
CA TRP D 98 -7.03 3.66 -1.73
C TRP D 98 -8.30 3.19 -1.04
N ASN D 99 -9.33 2.86 -1.80
CA ASN D 99 -10.60 2.40 -1.24
C ASN D 99 -10.52 1.44 -0.05
N PRO D 100 -9.66 0.40 -0.12
CA PRO D 100 -9.50 -0.57 0.97
C PRO D 100 -8.70 -0.07 2.18
N ILE D 101 -7.94 1.01 2.00
CA ILE D 101 -7.15 1.58 3.10
C ILE D 101 -7.60 2.94 3.57
N SER D 102 -8.76 3.39 3.11
CA SER D 102 -9.20 4.73 3.47
C SER D 102 -10.70 4.84 3.66
N ILE D 103 -11.11 5.88 4.37
CA ILE D 103 -12.51 6.18 4.63
C ILE D 103 -12.90 7.36 3.74
N GLY D 104 -14.08 7.31 3.15
CA GLY D 104 -14.51 8.39 2.26
C GLY D 104 -15.58 9.34 2.74
N ILE D 105 -15.21 10.60 2.94
CA ILE D 105 -16.19 11.60 3.37
C ILE D 105 -16.35 12.63 2.27
N SER D 106 -17.61 12.93 1.98
CA SER D 106 -17.94 13.85 0.90
C SER D 106 -18.78 15.02 1.37
N PHE D 107 -18.37 16.23 0.99
CA PHE D 107 -19.13 17.42 1.34
C PHE D 107 -20.19 17.57 0.25
N MET D 108 -21.46 17.58 0.64
CA MET D 108 -22.55 17.68 -0.32
C MET D 108 -22.66 19.03 -0.99
N GLY D 109 -22.26 19.07 -2.25
CA GLY D 109 -22.31 20.29 -3.01
C GLY D 109 -21.10 20.38 -3.93
N ASN D 110 -20.89 21.56 -4.50
CA ASN D 110 -19.77 21.80 -5.41
C ASN D 110 -19.02 23.00 -4.84
N TYR D 111 -17.74 22.82 -4.53
CA TYR D 111 -16.97 23.90 -3.93
C TYR D 111 -15.79 24.46 -4.71
N MET D 112 -16.00 24.78 -5.98
CA MET D 112 -14.95 25.34 -6.82
C MET D 112 -14.72 26.81 -6.48
N ASN D 113 -15.82 27.49 -6.22
CA ASN D 113 -15.84 28.92 -5.94
C ASN D 113 -16.80 29.20 -4.77
N ARG D 114 -16.88 28.26 -3.84
CA ARG D 114 -17.77 28.35 -2.68
C ARG D 114 -17.15 27.63 -1.50
N VAL D 115 -17.02 28.31 -0.36
CA VAL D 115 -16.46 27.66 0.83
C VAL D 115 -17.59 27.14 1.70
N PRO D 116 -17.40 25.97 2.32
CA PRO D 116 -18.43 25.39 3.20
C PRO D 116 -18.55 26.26 4.47
N PRO D 117 -19.75 26.31 5.08
CA PRO D 117 -19.98 27.10 6.30
C PRO D 117 -19.20 26.51 7.45
N PRO D 118 -18.90 27.31 8.50
CA PRO D 118 -18.16 26.81 9.66
C PRO D 118 -18.76 25.51 10.16
N ARG D 119 -20.09 25.47 10.26
CA ARG D 119 -20.79 24.26 10.68
C ARG D 119 -20.26 23.03 10.01
N ALA D 120 -20.35 23.00 8.69
CA ALA D 120 -19.87 21.87 7.90
C ALA D 120 -18.47 21.47 8.32
N LEU D 121 -17.55 22.42 8.31
CA LEU D 121 -16.17 22.14 8.67
C LEU D 121 -16.03 21.54 10.08
N ARG D 122 -16.87 21.97 11.02
CA ARG D 122 -16.81 21.44 12.38
C ARG D 122 -17.39 20.02 12.42
N ALA D 123 -18.49 19.80 11.69
CA ALA D 123 -19.12 18.49 11.65
C ALA D 123 -18.15 17.49 11.06
N ALA D 124 -17.37 17.95 10.08
CA ALA D 124 -16.40 17.09 9.41
C ALA D 124 -15.28 16.68 10.33
N GLN D 125 -14.74 17.63 11.07
CA GLN D 125 -13.64 17.39 12.03
C GLN D 125 -14.11 16.60 13.25
N ASN D 126 -15.33 16.87 13.67
CA ASN D 126 -15.93 16.19 14.82
C ASN D 126 -16.03 14.68 14.47
N LEU D 127 -16.37 14.38 13.23
CA LEU D 127 -16.46 13.00 12.72
C LEU D 127 -15.09 12.33 12.76
N LEU D 128 -14.03 13.06 12.48
CA LEU D 128 -12.73 12.43 12.53
C LEU D 128 -12.28 12.33 13.98
N ALA D 129 -12.62 13.31 14.81
CA ALA D 129 -12.25 13.24 16.23
C ALA D 129 -12.92 11.98 16.75
N CYS D 130 -14.17 11.81 16.36
CA CYS D 130 -14.94 10.64 16.74
C CYS D 130 -14.26 9.36 16.23
N GLY D 131 -13.91 9.34 14.95
CA GLY D 131 -13.26 8.18 14.35
C GLY D 131 -12.12 7.59 15.17
N VAL D 132 -11.24 8.44 15.67
CA VAL D 132 -10.11 8.01 16.46
C VAL D 132 -10.58 7.49 17.80
N ALA D 133 -11.55 8.19 18.39
CA ALA D 133 -12.10 7.79 19.68
C ALA D 133 -12.71 6.39 19.68
N LEU D 134 -13.15 5.94 18.51
CA LEU D 134 -13.78 4.63 18.42
C LEU D 134 -12.82 3.56 17.91
N GLY D 135 -11.57 3.93 17.66
CA GLY D 135 -10.61 2.96 17.16
C GLY D 135 -10.82 2.65 15.69
N ALA D 136 -11.69 3.45 15.05
CA ALA D 136 -11.99 3.29 13.64
C ALA D 136 -10.85 3.87 12.85
N LEU D 137 -10.46 5.10 13.14
CA LEU D 137 -9.35 5.74 12.46
C LEU D 137 -8.13 5.62 13.36
N ARG D 138 -6.97 5.42 12.74
CA ARG D 138 -5.72 5.30 13.47
C ARG D 138 -5.40 6.69 13.99
N SER D 139 -4.91 6.80 15.21
CA SER D 139 -4.62 8.11 15.76
C SER D 139 -3.74 9.03 14.88
N ASN D 140 -2.69 8.51 14.27
CA ASN D 140 -1.85 9.37 13.44
C ASN D 140 -2.31 9.34 11.98
N TYR D 141 -3.62 9.26 11.78
CA TYR D 141 -4.20 9.19 10.44
C TYR D 141 -3.82 10.37 9.53
N GLU D 142 -3.98 10.17 8.23
CA GLU D 142 -3.66 11.19 7.23
C GLU D 142 -4.88 11.55 6.37
N VAL D 143 -4.95 12.82 5.99
CA VAL D 143 -6.06 13.31 5.18
C VAL D 143 -5.54 13.74 3.83
N LYS D 144 -6.16 13.23 2.76
CA LYS D 144 -5.77 13.60 1.42
C LYS D 144 -6.95 14.12 0.68
N GLY D 145 -6.70 14.95 -0.33
CA GLY D 145 -7.77 15.48 -1.13
C GLY D 145 -8.09 14.45 -2.20
N HIS D 146 -9.29 14.52 -2.75
CA HIS D 146 -9.67 13.55 -3.76
C HIS D 146 -8.72 13.65 -4.97
N ARG D 147 -8.36 14.88 -5.33
CA ARG D 147 -7.50 15.15 -6.47
C ARG D 147 -6.08 14.67 -6.22
N ASP D 148 -5.75 14.47 -4.95
CA ASP D 148 -4.41 14.00 -4.58
C ASP D 148 -4.22 12.52 -4.85
N VAL D 149 -5.30 11.79 -5.14
CA VAL D 149 -5.19 10.35 -5.40
C VAL D 149 -5.87 9.90 -6.67
N GLN D 150 -6.40 10.86 -7.40
CA GLN D 150 -7.10 10.54 -8.64
C GLN D 150 -7.31 11.76 -9.51
N PRO D 151 -7.38 11.56 -10.83
CA PRO D 151 -7.59 12.69 -11.75
C PRO D 151 -8.97 13.27 -11.54
N THR D 152 -9.03 14.42 -10.87
CA THR D 152 -10.29 15.08 -10.60
C THR D 152 -10.06 16.46 -10.01
N LEU D 153 -11.08 17.29 -10.15
CA LEU D 153 -11.06 18.64 -9.64
C LEU D 153 -11.51 18.62 -8.18
N SER D 154 -12.17 17.52 -7.81
CA SER D 154 -12.69 17.27 -6.46
C SER D 154 -11.56 17.41 -5.45
N PRO D 155 -11.87 17.89 -4.24
CA PRO D 155 -13.10 18.45 -3.68
C PRO D 155 -13.56 19.83 -4.10
N GLY D 156 -12.72 20.53 -4.85
CA GLY D 156 -13.05 21.88 -5.26
C GLY D 156 -11.90 22.71 -4.74
N ASP D 157 -11.42 23.64 -5.54
CA ASP D 157 -10.27 24.48 -5.17
C ASP D 157 -10.33 25.08 -3.78
N ARG D 158 -11.51 25.53 -3.36
CA ARG D 158 -11.64 26.15 -2.04
C ARG D 158 -11.62 25.16 -0.89
N LEU D 159 -12.39 24.08 -0.97
CA LEU D 159 -12.40 23.10 0.10
C LEU D 159 -11.02 22.47 0.18
N TYR D 160 -10.35 22.35 -0.97
CA TYR D 160 -9.02 21.74 -1.02
C TYR D 160 -8.04 22.62 -0.28
N GLU D 161 -8.21 23.93 -0.39
CA GLU D 161 -7.32 24.87 0.29
C GLU D 161 -7.55 24.77 1.79
N ILE D 162 -8.79 24.48 2.18
CA ILE D 162 -9.17 24.34 3.58
C ILE D 162 -8.54 23.10 4.23
N ILE D 163 -8.66 21.95 3.58
CA ILE D 163 -8.13 20.71 4.14
C ILE D 163 -6.61 20.65 4.17
N GLN D 164 -5.97 21.42 3.30
CA GLN D 164 -4.51 21.44 3.26
C GLN D 164 -4.00 22.13 4.51
N THR D 165 -4.91 22.82 5.20
CA THR D 165 -4.59 23.56 6.42
C THR D 165 -4.57 22.64 7.64
N TRP D 166 -5.43 21.63 7.60
CA TRP D 166 -5.59 20.65 8.68
C TRP D 166 -4.33 19.89 9.04
N SER D 167 -4.20 19.55 10.31
CA SER D 167 -3.09 18.72 10.75
C SER D 167 -3.69 17.38 10.33
N HIS D 168 -2.85 16.42 9.97
CA HIS D 168 -3.30 15.11 9.48
C HIS D 168 -3.32 15.20 7.94
N TYR D 169 -3.30 16.42 7.37
CA TYR D 169 -3.25 16.52 5.92
C TYR D 169 -1.77 16.30 5.62
N ARG D 170 -1.50 15.38 4.69
CA ARG D 170 -0.13 15.03 4.31
C ARG D 170 0.01 14.71 2.82
N ALA D 171 1.08 15.22 2.21
CA ALA D 171 1.40 15.00 0.80
C ALA D 171 0.20 14.97 -0.17
#